data_8B5Y
#
_entry.id   8B5Y
#
_cell.length_a   51.908
_cell.length_b   190.263
_cell.length_c   57.297
_cell.angle_alpha   90.000
_cell.angle_beta   90.000
_cell.angle_gamma   90.000
#
_symmetry.space_group_name_H-M   'P 1 21 1'
#
loop_
_entity.id
_entity.type
_entity.pdbx_description
1 polymer 'Tyrosine-protein phosphatase non-receptor type 11'
2 non-polymer "(1~{S})-1'-[5-[2-(trifluoromethyl)pyridin-3-yl]sulfanyl-3~{H}-imidazo[4,5-b]pyrazin-2-yl]spiro[1,3-dihydroindene-2,4'-piperidine]-1-amine"
3 non-polymer 'FORMIC ACID'
4 water water
#
_entity_poly.entity_id   1
_entity_poly.type   'polypeptide(L)'
_entity_poly.pdbx_seq_one_letter_code
;GMTSRRWFHPNITGVEAENLLLTRGVDGSFLARPSKSNPGDFTLSVRRNGAVTHIKIQNTGDYYDLYGGEKFATLAELVQ
YYMEHHGQLKEKNGDVIELKYPLNCADPTSERWFHGHLSGKEAEKLLTEKGKHGSFLVRESQSHPGDFVLSVRTGDDKGE
SNDGKSKVTHVMIRCQELKYDVGGGERFDSLTDLVEHYKKNPMVETLGTVLQLKQPLNTTRINAAEIESRVRELSKLAET
TDKVKQGFWEEFETLQQQECKLLYSRKEGQRQENKNKNRYKNILPFDHTRVVLHDGDPNEPVSDYINANIIMPEFETKCN
NSKPKKSYIATQGCLQNTVNDFWRMVFQENSRVIVMTTKEVERGKSKCVKYWPDEYALKEYGVMRVRNVKESAAHDYTLR
ELKLSKVGQGNTERTVWQYHFRTWPDHGVPSDPGGVLDFLEEVHHKQESIMDAGPVVVHCSAGIGRTGTFIVIDILIDII
REKGVDCDIDVPKTIQMVRSQRSGMVQTEAQYRFIYMAVQHYIETL
;
_entity_poly.pdbx_strand_id   A,B
#
loop_
_chem_comp.id
_chem_comp.type
_chem_comp.name
_chem_comp.formula
FMT non-polymer 'FORMIC ACID' 'C H2 O2'
P8O non-polymer (1~{S})-1'-[5-[2-(trifluoromethyl)pyridin-3-yl]sulfanyl-3~{H}-imidazo[4,5-b]pyrazin-2-yl]spiro[1,3-dihydroindene-2,4'-piperidine]-1-amine 'C24 H22 F3 N7 S'
#
# COMPACT_ATOMS: atom_id res chain seq x y z
N SER A 4 1.13 -11.60 -7.68
CA SER A 4 1.26 -13.07 -8.04
C SER A 4 0.00 -13.89 -7.68
N ARG A 5 -0.18 -15.03 -8.34
CA ARG A 5 -1.40 -15.88 -8.23
C ARG A 5 -1.26 -16.92 -7.07
N ARG A 6 -1.43 -16.45 -5.82
CA ARG A 6 -0.99 -17.18 -4.61
C ARG A 6 -1.73 -18.51 -4.34
N TRP A 7 -3.02 -18.54 -4.69
CA TRP A 7 -3.87 -19.75 -4.61
C TRP A 7 -3.51 -20.87 -5.63
N PHE A 8 -2.60 -20.62 -6.58
CA PHE A 8 -2.08 -21.61 -7.51
C PHE A 8 -0.78 -22.19 -6.94
N HIS A 9 -0.79 -23.51 -6.72
CA HIS A 9 0.35 -24.24 -6.16
C HIS A 9 0.95 -25.11 -7.29
N PRO A 10 2.03 -24.63 -7.96
N PRO A 10 2.05 -24.65 -7.93
CA PRO A 10 2.71 -25.49 -8.94
CA PRO A 10 2.48 -25.23 -9.20
C PRO A 10 3.48 -26.60 -8.22
C PRO A 10 3.16 -26.60 -9.11
N ASN A 11 3.67 -27.72 -8.89
N ASN A 11 3.64 -26.99 -7.94
CA ASN A 11 4.49 -28.78 -8.33
CA ASN A 11 4.49 -28.19 -7.89
C ASN A 11 4.01 -29.28 -6.95
C ASN A 11 4.02 -29.31 -6.96
N ILE A 12 2.70 -29.41 -6.75
CA ILE A 12 2.13 -30.28 -5.69
C ILE A 12 1.24 -31.39 -6.26
N THR A 13 1.15 -32.48 -5.49
CA THR A 13 0.27 -33.61 -5.84
C THR A 13 -1.14 -33.36 -5.28
N GLY A 14 -2.09 -34.21 -5.69
CA GLY A 14 -3.43 -34.28 -5.10
C GLY A 14 -3.44 -34.55 -3.61
N VAL A 15 -2.66 -35.55 -3.18
CA VAL A 15 -2.50 -35.91 -1.76
C VAL A 15 -2.00 -34.71 -0.93
N GLU A 16 -0.99 -34.01 -1.46
CA GLU A 16 -0.47 -32.80 -0.81
C GLU A 16 -1.52 -31.70 -0.68
N ALA A 17 -2.24 -31.46 -1.77
CA ALA A 17 -3.34 -30.46 -1.79
C ALA A 17 -4.37 -30.77 -0.70
N GLU A 18 -4.78 -32.04 -0.59
CA GLU A 18 -5.73 -32.47 0.44
C GLU A 18 -5.23 -32.15 1.85
N ASN A 19 -3.98 -32.51 2.11
CA ASN A 19 -3.34 -32.27 3.42
C ASN A 19 -3.17 -30.78 3.75
N LEU A 20 -2.75 -29.98 2.77
CA LEU A 20 -2.71 -28.51 2.91
C LEU A 20 -4.08 -27.95 3.33
N LEU A 21 -5.14 -28.35 2.61
CA LEU A 21 -6.52 -27.91 2.91
C LEU A 21 -7.08 -28.43 4.25
N LEU A 22 -6.77 -29.68 4.58
CA LEU A 22 -7.17 -30.25 5.88
C LEU A 22 -6.39 -29.72 7.09
N THR A 23 -5.13 -29.34 6.91
CA THR A 23 -4.27 -28.90 8.04
C THR A 23 -4.24 -27.39 8.21
N ARG A 24 -4.11 -26.64 7.11
CA ARG A 24 -4.05 -25.16 7.11
C ARG A 24 -5.34 -24.44 6.67
N GLY A 25 -6.30 -25.18 6.09
CA GLY A 25 -7.55 -24.61 5.59
C GLY A 25 -8.71 -24.82 6.54
N VAL A 26 -9.83 -24.21 6.18
CA VAL A 26 -11.14 -24.43 6.81
C VAL A 26 -12.16 -24.70 5.70
N ASP A 27 -13.41 -24.98 6.08
CA ASP A 27 -14.48 -25.17 5.10
C ASP A 27 -14.59 -23.90 4.25
N GLY A 28 -14.61 -24.09 2.94
CA GLY A 28 -14.51 -22.98 1.97
C GLY A 28 -13.12 -22.61 1.47
N SER A 29 -12.07 -23.15 2.08
CA SER A 29 -10.70 -22.98 1.59
C SER A 29 -10.51 -23.75 0.29
N PHE A 30 -9.69 -23.19 -0.60
CA PHE A 30 -9.45 -23.78 -1.90
C PHE A 30 -8.07 -23.45 -2.45
N LEU A 31 -7.62 -24.27 -3.38
CA LEU A 31 -6.45 -23.99 -4.16
C LEU A 31 -6.61 -24.57 -5.54
N ALA A 32 -5.76 -24.10 -6.47
CA ALA A 32 -5.65 -24.68 -7.80
C ALA A 32 -4.22 -25.26 -7.99
N ARG A 33 -4.11 -26.31 -8.79
CA ARG A 33 -2.84 -26.97 -9.09
C ARG A 33 -2.83 -27.56 -10.51
N PRO A 34 -1.64 -27.66 -11.14
CA PRO A 34 -1.56 -28.28 -12.45
C PRO A 34 -1.37 -29.78 -12.35
N SER A 35 -1.63 -30.50 -13.44
CA SER A 35 -1.18 -31.90 -13.59
C SER A 35 0.35 -31.96 -13.65
N LYS A 36 0.89 -33.04 -13.10
CA LYS A 36 2.31 -33.34 -13.21
C LYS A 36 2.72 -33.88 -14.60
N SER A 37 1.77 -34.43 -15.36
CA SER A 37 2.02 -35.06 -16.66
C SER A 37 1.57 -34.26 -17.88
N ASN A 38 0.59 -33.39 -17.72
CA ASN A 38 -0.22 -32.89 -18.83
C ASN A 38 -0.34 -31.34 -18.71
N PRO A 39 0.28 -30.58 -19.65
N PRO A 39 0.26 -30.56 -19.65
CA PRO A 39 -0.07 -29.15 -19.71
CA PRO A 39 0.20 -29.07 -19.52
C PRO A 39 -1.52 -29.05 -20.15
C PRO A 39 -1.18 -28.40 -19.57
N GLY A 40 -2.22 -28.03 -19.69
N GLY A 40 -2.17 -29.06 -20.18
CA GLY A 40 -3.63 -27.96 -19.99
CA GLY A 40 -3.51 -28.51 -20.28
C GLY A 40 -4.60 -28.63 -18.99
C GLY A 40 -4.57 -29.01 -19.29
N ASP A 41 -4.14 -29.59 -18.16
CA ASP A 41 -5.03 -30.20 -17.13
C ASP A 41 -4.74 -29.55 -15.78
N PHE A 42 -5.78 -29.14 -15.08
CA PHE A 42 -5.68 -28.47 -13.79
C PHE A 42 -6.77 -29.02 -12.89
N THR A 43 -6.56 -28.86 -11.59
CA THR A 43 -7.53 -29.26 -10.56
C THR A 43 -7.77 -28.10 -9.61
N LEU A 44 -9.06 -27.86 -9.35
CA LEU A 44 -9.52 -26.96 -8.29
C LEU A 44 -9.90 -27.86 -7.11
N SER A 45 -9.22 -27.66 -5.99
CA SER A 45 -9.40 -28.48 -4.80
C SER A 45 -10.03 -27.63 -3.72
N VAL A 46 -11.15 -28.09 -3.16
CA VAL A 46 -11.99 -27.25 -2.28
C VAL A 46 -12.35 -28.05 -1.04
N ARG A 47 -12.09 -27.47 0.15
CA ARG A 47 -12.53 -28.08 1.40
C ARG A 47 -14.00 -27.74 1.65
N ARG A 48 -14.81 -28.77 1.89
CA ARG A 48 -16.19 -28.57 2.34
C ARG A 48 -16.68 -29.78 3.16
N ASN A 49 -17.38 -29.49 4.26
CA ASN A 49 -17.90 -30.52 5.17
C ASN A 49 -16.80 -31.45 5.75
N GLY A 50 -15.67 -30.84 6.13
CA GLY A 50 -14.50 -31.56 6.66
C GLY A 50 -13.76 -32.48 5.70
N ALA A 51 -13.97 -32.32 4.39
CA ALA A 51 -13.35 -33.17 3.35
C ALA A 51 -13.00 -32.32 2.14
N VAL A 52 -12.19 -32.87 1.25
CA VAL A 52 -11.72 -32.14 0.06
C VAL A 52 -12.40 -32.73 -1.20
N THR A 53 -12.95 -31.83 -2.02
CA THR A 53 -13.52 -32.15 -3.33
C THR A 53 -12.56 -31.58 -4.41
N HIS A 54 -12.28 -32.39 -5.41
CA HIS A 54 -11.40 -32.04 -6.52
C HIS A 54 -12.21 -31.90 -7.77
N ILE A 55 -12.04 -30.78 -8.49
CA ILE A 55 -12.83 -30.51 -9.71
C ILE A 55 -11.85 -30.30 -10.84
N LYS A 56 -11.98 -31.08 -11.92
CA LYS A 56 -11.09 -31.03 -13.07
C LYS A 56 -11.38 -29.83 -13.96
N ILE A 57 -10.29 -29.24 -14.47
CA ILE A 57 -10.31 -28.15 -15.42
C ILE A 57 -9.39 -28.59 -16.58
N GLN A 58 -9.87 -28.40 -17.80
CA GLN A 58 -9.12 -28.75 -18.99
C GLN A 58 -9.02 -27.54 -19.92
N ASN A 59 -7.87 -27.33 -20.52
CA ASN A 59 -7.72 -26.37 -21.61
C ASN A 59 -7.28 -27.09 -22.85
N THR A 60 -8.14 -27.14 -23.86
CA THR A 60 -7.78 -27.78 -25.14
C THR A 60 -7.39 -26.73 -26.19
N GLY A 61 -7.17 -25.48 -25.79
CA GLY A 61 -6.66 -24.46 -26.70
C GLY A 61 -7.52 -23.23 -26.88
N ASP A 62 -8.80 -23.31 -26.55
CA ASP A 62 -9.73 -22.16 -26.75
C ASP A 62 -10.22 -21.48 -25.48
N TYR A 63 -10.21 -22.21 -24.37
CA TYR A 63 -10.69 -21.68 -23.07
C TYR A 63 -10.39 -22.73 -21.99
N TYR A 64 -10.53 -22.31 -20.74
CA TYR A 64 -10.52 -23.24 -19.59
C TYR A 64 -11.94 -23.76 -19.36
N ASP A 65 -12.10 -25.08 -19.33
CA ASP A 65 -13.39 -25.74 -19.23
C ASP A 65 -13.42 -26.42 -17.84
N LEU A 66 -14.23 -25.89 -16.92
CA LEU A 66 -14.42 -26.48 -15.58
C LEU A 66 -15.49 -27.54 -15.68
N TYR A 67 -15.16 -28.79 -15.30
CA TYR A 67 -16.08 -29.92 -15.45
C TYR A 67 -17.31 -29.68 -14.55
N GLY A 68 -18.49 -29.75 -15.15
CA GLY A 68 -19.76 -29.40 -14.49
C GLY A 68 -19.87 -27.92 -14.09
N GLY A 69 -19.12 -27.06 -14.77
CA GLY A 69 -19.18 -25.62 -14.55
C GLY A 69 -19.03 -24.94 -15.89
N GLU A 70 -18.40 -23.77 -15.90
CA GLU A 70 -18.46 -22.85 -17.06
C GLU A 70 -17.09 -22.70 -17.68
N LYS A 71 -17.02 -21.96 -18.78
CA LYS A 71 -15.78 -21.76 -19.53
C LYS A 71 -15.21 -20.36 -19.27
N PHE A 72 -13.88 -20.28 -19.18
CA PHE A 72 -13.15 -19.10 -18.71
C PHE A 72 -11.90 -18.84 -19.48
N ALA A 73 -11.52 -17.56 -19.56
CA ALA A 73 -10.29 -17.14 -20.23
C ALA A 73 -9.00 -17.40 -19.43
N THR A 74 -9.08 -17.30 -18.10
CA THR A 74 -7.95 -17.56 -17.19
C THR A 74 -8.47 -18.22 -15.92
N LEU A 75 -7.59 -18.91 -15.21
CA LEU A 75 -7.97 -19.46 -13.91
C LEU A 75 -8.29 -18.36 -12.89
N ALA A 76 -7.61 -17.22 -12.98
CA ALA A 76 -7.90 -16.10 -12.07
C ALA A 76 -9.29 -15.49 -12.33
N GLU A 77 -9.71 -15.41 -13.59
CA GLU A 77 -11.11 -15.03 -13.90
C GLU A 77 -12.14 -16.10 -13.42
N LEU A 78 -11.83 -17.37 -13.57
CA LEU A 78 -12.64 -18.50 -13.02
C LEU A 78 -12.83 -18.36 -11.51
N VAL A 79 -11.72 -18.21 -10.78
CA VAL A 79 -11.73 -18.06 -9.33
C VAL A 79 -12.52 -16.80 -8.93
N GLN A 80 -12.24 -15.68 -9.60
CA GLN A 80 -12.96 -14.44 -9.33
C GLN A 80 -14.48 -14.62 -9.50
N TYR A 81 -14.88 -15.22 -10.61
CA TYR A 81 -16.29 -15.51 -10.88
C TYR A 81 -16.97 -16.30 -9.74
N TYR A 82 -16.37 -17.43 -9.33
CA TYR A 82 -17.03 -18.29 -8.31
C TYR A 82 -16.95 -17.75 -6.87
N MET A 83 -15.92 -16.94 -6.57
CA MET A 83 -15.87 -16.21 -5.30
C MET A 83 -16.92 -15.10 -5.19
N GLU A 84 -17.34 -14.52 -6.32
CA GLU A 84 -18.35 -13.43 -6.36
C GLU A 84 -19.79 -13.81 -6.70
N HIS A 85 -20.01 -15.03 -7.22
CA HIS A 85 -21.34 -15.54 -7.59
C HIS A 85 -21.59 -16.83 -6.81
N HIS A 86 -22.12 -16.64 -5.60
CA HIS A 86 -22.60 -17.72 -4.71
C HIS A 86 -23.59 -18.65 -5.42
N GLY A 87 -23.50 -19.94 -5.10
CA GLY A 87 -24.41 -20.95 -5.61
C GLY A 87 -24.16 -21.49 -7.01
N GLN A 88 -23.22 -20.92 -7.78
CA GLN A 88 -23.04 -21.29 -9.19
C GLN A 88 -22.24 -22.57 -9.39
N LEU A 89 -21.25 -22.83 -8.53
CA LEU A 89 -20.49 -24.08 -8.58
C LEU A 89 -21.21 -25.12 -7.75
N LYS A 90 -21.58 -26.23 -8.39
CA LYS A 90 -22.39 -27.28 -7.78
C LYS A 90 -21.82 -28.68 -7.99
N GLU A 91 -22.01 -29.54 -6.99
N GLU A 91 -22.02 -29.54 -6.99
CA GLU A 91 -21.79 -30.98 -7.14
CA GLU A 91 -21.82 -30.98 -7.12
C GLU A 91 -22.88 -31.56 -8.05
C GLU A 91 -22.88 -31.56 -8.06
N LYS A 92 -22.64 -32.78 -8.53
CA LYS A 92 -23.58 -33.52 -9.40
C LYS A 92 -24.98 -33.68 -8.75
N ASN A 93 -25.04 -33.91 -7.43
CA ASN A 93 -26.30 -33.96 -6.67
C ASN A 93 -26.98 -32.60 -6.32
N GLY A 94 -26.47 -31.47 -6.84
CA GLY A 94 -27.01 -30.14 -6.60
C GLY A 94 -26.34 -29.28 -5.53
N ASP A 95 -25.61 -29.91 -4.59
CA ASP A 95 -25.02 -29.22 -3.42
C ASP A 95 -24.03 -28.16 -3.85
N VAL A 96 -24.09 -27.00 -3.18
CA VAL A 96 -23.28 -25.83 -3.56
C VAL A 96 -21.87 -26.04 -3.04
N ILE A 97 -20.88 -25.79 -3.91
CA ILE A 97 -19.45 -25.82 -3.55
C ILE A 97 -19.06 -24.36 -3.47
N GLU A 98 -18.64 -23.92 -2.27
CA GLU A 98 -18.32 -22.53 -2.00
C GLU A 98 -16.81 -22.33 -2.06
N LEU A 99 -16.37 -21.37 -2.86
CA LEU A 99 -14.98 -20.91 -2.89
C LEU A 99 -14.93 -19.63 -2.05
N LYS A 100 -14.46 -19.77 -0.83
CA LYS A 100 -14.40 -18.67 0.13
C LYS A 100 -13.00 -18.12 0.30
N TYR A 101 -12.05 -19.00 0.65
CA TYR A 101 -10.74 -18.58 1.23
C TYR A 101 -9.61 -19.14 0.37
N PRO A 102 -8.93 -18.30 -0.44
CA PRO A 102 -7.76 -18.82 -1.17
C PRO A 102 -6.66 -19.30 -0.22
N LEU A 103 -6.18 -20.53 -0.39
CA LEU A 103 -5.07 -21.05 0.40
C LEU A 103 -3.78 -20.73 -0.33
N ASN A 104 -2.97 -19.86 0.28
CA ASN A 104 -1.80 -19.32 -0.39
C ASN A 104 -0.61 -20.28 -0.39
N CYS A 105 0.06 -20.34 -1.52
CA CYS A 105 1.29 -21.07 -1.70
C CYS A 105 2.43 -20.30 -1.03
N ALA A 106 3.14 -20.95 -0.12
CA ALA A 106 4.31 -20.38 0.56
C ALA A 106 5.63 -20.77 -0.11
N ASP A 107 5.57 -21.62 -1.15
CA ASP A 107 6.74 -22.12 -1.87
C ASP A 107 7.22 -21.01 -2.81
N PRO A 108 8.48 -20.52 -2.65
CA PRO A 108 8.93 -19.47 -3.55
C PRO A 108 9.32 -19.92 -4.99
N THR A 109 9.43 -21.24 -5.24
CA THR A 109 10.11 -21.82 -6.44
C THR A 109 9.70 -21.16 -7.76
N SER A 110 8.41 -20.97 -7.95
CA SER A 110 7.85 -20.38 -9.16
C SER A 110 7.92 -18.86 -9.27
N GLU A 111 8.40 -18.15 -8.23
CA GLU A 111 8.48 -16.70 -8.29
C GLU A 111 9.56 -16.31 -9.31
N ARG A 112 9.27 -15.26 -10.08
CA ARG A 112 10.16 -14.81 -11.16
C ARG A 112 11.56 -14.40 -10.71
N TRP A 113 11.61 -13.84 -9.51
CA TRP A 113 12.85 -13.43 -8.86
C TRP A 113 13.59 -14.58 -8.20
N PHE A 114 12.99 -15.78 -8.06
CA PHE A 114 13.65 -16.89 -7.32
C PHE A 114 14.56 -17.71 -8.23
N HIS A 115 15.80 -17.92 -7.81
CA HIS A 115 16.81 -18.64 -8.60
C HIS A 115 17.40 -19.90 -7.93
N GLY A 116 16.86 -20.33 -6.77
CA GLY A 116 17.23 -21.63 -6.19
C GLY A 116 18.73 -21.71 -5.90
N HIS A 117 19.36 -22.80 -6.33
CA HIS A 117 20.80 -23.02 -6.15
C HIS A 117 21.52 -22.20 -7.22
N LEU A 118 22.08 -21.07 -6.80
CA LEU A 118 22.79 -20.14 -7.68
C LEU A 118 23.83 -19.46 -6.83
N SER A 119 25.07 -19.44 -7.32
CA SER A 119 26.17 -18.84 -6.55
C SER A 119 26.14 -17.33 -6.63
N GLY A 120 26.80 -16.68 -5.68
CA GLY A 120 27.01 -15.22 -5.70
C GLY A 120 27.78 -14.71 -6.92
N LYS A 121 28.79 -15.48 -7.37
CA LYS A 121 29.53 -15.17 -8.60
C LYS A 121 28.61 -15.22 -9.83
N GLU A 122 27.83 -16.31 -9.92
CA GLU A 122 26.82 -16.49 -10.99
C GLU A 122 25.75 -15.41 -10.98
N ALA A 123 25.26 -15.07 -9.77
CA ALA A 123 24.30 -13.98 -9.60
C ALA A 123 24.87 -12.63 -9.99
N GLU A 124 26.14 -12.37 -9.66
CA GLU A 124 26.80 -11.16 -10.13
C GLU A 124 26.92 -11.10 -11.65
N LYS A 125 27.25 -12.23 -12.28
CA LYS A 125 27.41 -12.29 -13.76
C LYS A 125 26.08 -12.03 -14.46
N LEU A 126 25.03 -12.71 -14.01
CA LEU A 126 23.68 -12.54 -14.55
C LEU A 126 23.19 -11.08 -14.44
N LEU A 127 23.38 -10.48 -13.27
CA LEU A 127 23.02 -9.08 -13.02
C LEU A 127 23.88 -8.08 -13.81
N THR A 128 25.18 -8.33 -13.85
CA THR A 128 26.12 -7.51 -14.64
C THR A 128 25.81 -7.53 -16.15
N GLU A 129 25.45 -8.70 -16.70
CA GLU A 129 25.25 -8.85 -18.15
C GLU A 129 23.84 -8.51 -18.63
N LYS A 130 22.83 -9.08 -17.97
CA LYS A 130 21.42 -8.94 -18.33
C LYS A 130 20.62 -7.90 -17.52
N GLY A 131 21.10 -7.55 -16.32
CA GLY A 131 20.36 -6.69 -15.42
C GLY A 131 20.48 -5.22 -15.76
N LYS A 132 19.58 -4.44 -15.17
CA LYS A 132 19.64 -2.98 -15.21
C LYS A 132 19.36 -2.46 -13.80
N HIS A 133 19.26 -1.13 -13.65
CA HIS A 133 18.89 -0.50 -12.35
C HIS A 133 17.60 -1.12 -11.79
N GLY A 134 17.68 -1.55 -10.53
CA GLY A 134 16.59 -2.19 -9.85
C GLY A 134 16.32 -3.65 -10.16
N SER A 135 17.16 -4.32 -10.97
CA SER A 135 17.01 -5.75 -11.23
C SER A 135 17.48 -6.54 -10.03
N PHE A 136 16.72 -7.57 -9.67
CA PHE A 136 17.02 -8.35 -8.49
C PHE A 136 16.67 -9.79 -8.64
N LEU A 137 17.26 -10.57 -7.75
CA LEU A 137 16.97 -11.96 -7.64
C LEU A 137 17.21 -12.38 -6.20
N VAL A 138 16.65 -13.53 -5.85
CA VAL A 138 16.88 -14.22 -4.59
C VAL A 138 17.40 -15.61 -4.88
N ARG A 139 18.40 -16.03 -4.10
CA ARG A 139 19.04 -17.33 -4.28
C ARG A 139 19.26 -17.95 -2.90
N GLU A 140 19.42 -19.27 -2.88
CA GLU A 140 19.77 -20.02 -1.67
C GLU A 140 21.22 -19.70 -1.27
N SER A 141 21.43 -19.54 0.04
CA SER A 141 22.79 -19.35 0.59
C SER A 141 23.54 -20.67 0.53
N GLN A 142 24.76 -20.61 0.01
CA GLN A 142 25.69 -21.76 -0.01
C GLN A 142 26.34 -21.99 1.36
N SER A 143 26.71 -20.92 2.03
CA SER A 143 27.33 -20.98 3.37
C SER A 143 26.35 -21.45 4.46
N HIS A 144 25.14 -20.88 4.49
CA HIS A 144 24.18 -21.09 5.57
C HIS A 144 22.90 -21.78 5.07
N PRO A 145 22.84 -23.13 5.08
CA PRO A 145 21.64 -23.84 4.58
C PRO A 145 20.31 -23.38 5.21
N GLY A 146 19.28 -23.22 4.37
CA GLY A 146 18.00 -22.64 4.78
C GLY A 146 17.91 -21.12 4.65
N ASP A 147 19.05 -20.41 4.70
CA ASP A 147 19.09 -18.95 4.42
C ASP A 147 19.14 -18.66 2.93
N PHE A 148 18.91 -17.39 2.62
CA PHE A 148 18.82 -16.90 1.26
C PHE A 148 19.63 -15.61 1.14
N VAL A 149 19.83 -15.18 -0.11
CA VAL A 149 20.52 -13.91 -0.40
C VAL A 149 19.70 -13.17 -1.44
N LEU A 150 19.46 -11.89 -1.19
CA LEU A 150 18.83 -11.00 -2.18
C LEU A 150 19.97 -10.25 -2.85
N SER A 151 20.04 -10.31 -4.18
CA SER A 151 21.05 -9.62 -4.97
C SER A 151 20.36 -8.59 -5.85
N VAL A 152 20.76 -7.32 -5.72
CA VAL A 152 20.11 -6.22 -6.43
C VAL A 152 21.15 -5.39 -7.16
N ARG A 153 20.85 -5.08 -8.43
CA ARG A 153 21.65 -4.15 -9.19
C ARG A 153 21.05 -2.77 -9.03
N THR A 154 21.90 -1.79 -8.72
CA THR A 154 21.54 -0.39 -8.75
C THR A 154 22.58 0.40 -9.57
N GLY A 155 22.20 1.61 -10.00
CA GLY A 155 23.06 2.43 -10.84
C GLY A 155 22.32 3.32 -11.82
N ASP A 156 23.11 3.85 -12.76
CA ASP A 156 22.65 4.67 -13.87
C ASP A 156 22.77 3.80 -15.13
N ASP A 157 21.66 3.67 -15.86
CA ASP A 157 21.57 2.83 -17.07
C ASP A 157 22.13 3.45 -18.36
N LYS A 158 22.51 4.73 -18.33
CA LYS A 158 23.06 5.43 -19.51
C LYS A 158 24.49 4.99 -19.80
N ASN A 162 30.16 -1.49 -16.79
CA ASN A 162 31.01 -0.59 -17.56
C ASN A 162 32.08 0.12 -16.70
N ASP A 163 31.70 1.22 -16.06
CA ASP A 163 32.63 2.25 -15.55
C ASP A 163 32.42 2.59 -14.07
N GLY A 164 31.95 1.62 -13.29
CA GLY A 164 31.64 1.81 -11.87
C GLY A 164 30.40 2.62 -11.50
N LYS A 165 29.59 3.06 -12.48
CA LYS A 165 28.35 3.82 -12.21
C LYS A 165 27.20 2.92 -11.72
N SER A 166 27.32 1.60 -11.94
CA SER A 166 26.43 0.59 -11.38
C SER A 166 27.17 -0.37 -10.45
N LYS A 167 26.39 -1.05 -9.63
CA LYS A 167 26.90 -2.04 -8.67
C LYS A 167 25.86 -3.10 -8.36
N VAL A 168 26.33 -4.23 -7.79
CA VAL A 168 25.46 -5.28 -7.23
C VAL A 168 25.65 -5.25 -5.70
N THR A 169 24.53 -5.27 -4.97
CA THR A 169 24.51 -5.35 -3.49
C THR A 169 23.86 -6.67 -3.10
N HIS A 170 24.47 -7.37 -2.13
CA HIS A 170 23.91 -8.64 -1.60
C HIS A 170 23.37 -8.41 -0.20
N VAL A 171 22.15 -8.89 0.07
CA VAL A 171 21.49 -8.73 1.37
C VAL A 171 21.17 -10.13 1.86
N MET A 172 21.70 -10.49 3.02
N MET A 172 21.70 -10.48 3.04
CA MET A 172 21.48 -11.81 3.61
CA MET A 172 21.46 -11.78 3.65
C MET A 172 20.06 -11.87 4.18
C MET A 172 20.02 -11.86 4.16
N ILE A 173 19.36 -12.98 3.92
CA ILE A 173 18.00 -13.26 4.43
C ILE A 173 18.15 -14.47 5.34
N ARG A 174 17.96 -14.26 6.64
CA ARG A 174 17.98 -15.33 7.62
C ARG A 174 16.63 -16.03 7.69
N CYS A 175 16.65 -17.35 7.86
CA CYS A 175 15.48 -18.15 8.27
C CYS A 175 15.67 -18.55 9.74
N GLN A 176 14.93 -17.88 10.62
CA GLN A 176 14.97 -18.15 12.08
C GLN A 176 13.56 -18.57 12.51
N GLU A 177 13.42 -19.81 12.97
CA GLU A 177 12.16 -20.34 13.55
C GLU A 177 10.98 -20.19 12.58
N LEU A 178 11.19 -20.69 11.36
CA LEU A 178 10.21 -20.67 10.25
C LEU A 178 9.87 -19.28 9.65
N LYS A 179 10.60 -18.22 10.04
CA LYS A 179 10.35 -16.86 9.53
C LYS A 179 11.61 -16.25 8.90
N TYR A 180 11.39 -15.31 7.99
CA TYR A 180 12.46 -14.72 7.18
C TYR A 180 12.66 -13.26 7.59
N ASP A 181 13.91 -12.85 7.67
CA ASP A 181 14.23 -11.43 7.89
C ASP A 181 15.53 -11.04 7.25
N VAL A 182 15.77 -9.73 7.19
CA VAL A 182 17.03 -9.17 6.65
C VAL A 182 17.98 -8.64 7.71
N GLY A 183 17.95 -9.23 8.93
CA GLY A 183 18.79 -8.80 10.04
C GLY A 183 18.18 -7.76 10.97
N GLY A 184 16.94 -7.34 10.70
CA GLY A 184 16.23 -6.37 11.51
C GLY A 184 14.87 -6.06 10.94
N GLY A 185 14.00 -5.46 11.75
CA GLY A 185 12.64 -5.10 11.34
C GLY A 185 11.71 -6.30 11.37
N GLU A 186 10.87 -6.42 10.36
CA GLU A 186 9.81 -7.40 10.38
C GLU A 186 10.31 -8.79 10.00
N ARG A 187 9.64 -9.80 10.56
CA ARG A 187 9.92 -11.20 10.32
C ARG A 187 8.70 -11.73 9.58
N PHE A 188 8.94 -12.36 8.43
CA PHE A 188 7.90 -12.71 7.46
C PHE A 188 7.69 -14.22 7.45
N ASP A 189 6.46 -14.64 7.20
CA ASP A 189 6.13 -16.06 7.14
C ASP A 189 6.61 -16.76 5.88
N SER A 190 6.94 -15.99 4.84
CA SER A 190 7.44 -16.53 3.59
C SER A 190 8.43 -15.57 2.94
N LEU A 191 9.24 -16.12 2.04
CA LEU A 191 10.14 -15.32 1.20
C LEU A 191 9.39 -14.32 0.35
N THR A 192 8.30 -14.76 -0.26
CA THR A 192 7.38 -13.91 -1.03
C THR A 192 6.90 -12.67 -0.27
N ASP A 193 6.42 -12.86 0.96
CA ASP A 193 5.99 -11.73 1.83
C ASP A 193 7.14 -10.76 2.08
N LEU A 194 8.33 -11.32 2.32
CA LEU A 194 9.53 -10.51 2.55
C LEU A 194 9.83 -9.66 1.32
N VAL A 195 9.93 -10.31 0.15
CA VAL A 195 10.21 -9.62 -1.11
C VAL A 195 9.18 -8.53 -1.41
N GLU A 196 7.89 -8.86 -1.21
CA GLU A 196 6.81 -7.91 -1.47
C GLU A 196 6.89 -6.69 -0.55
N HIS A 197 7.25 -6.91 0.72
CA HIS A 197 7.43 -5.82 1.68
C HIS A 197 8.57 -4.88 1.27
N TYR A 198 9.72 -5.45 0.89
CA TYR A 198 10.88 -4.62 0.50
C TYR A 198 10.78 -4.03 -0.92
N LYS A 199 9.89 -4.57 -1.76
CA LYS A 199 9.47 -3.90 -2.99
C LYS A 199 8.74 -2.58 -2.70
N LYS A 200 7.75 -2.64 -1.80
CA LYS A 200 6.97 -1.46 -1.37
C LYS A 200 7.77 -0.48 -0.50
N ASN A 201 8.62 -1.02 0.39
CA ASN A 201 9.37 -0.24 1.39
C ASN A 201 10.88 -0.48 1.22
N PRO A 202 11.54 0.25 0.28
CA PRO A 202 12.92 -0.09 -0.06
C PRO A 202 13.91 0.05 1.10
N MET A 203 14.84 -0.89 1.20
CA MET A 203 15.99 -0.76 2.12
C MET A 203 16.93 0.34 1.63
N VAL A 204 17.60 1.00 2.58
CA VAL A 204 18.57 2.08 2.32
C VAL A 204 19.89 1.72 3.03
N GLU A 205 21.01 1.85 2.31
CA GLU A 205 22.37 1.61 2.86
C GLU A 205 22.84 2.76 3.77
N THR A 206 23.95 2.54 4.48
CA THR A 206 24.55 3.54 5.40
C THR A 206 24.85 4.89 4.74
N LEU A 207 25.34 4.84 3.49
CA LEU A 207 25.67 6.04 2.70
C LEU A 207 24.58 6.49 1.70
N GLY A 208 23.35 5.99 1.84
CA GLY A 208 22.18 6.52 1.12
C GLY A 208 21.62 5.75 -0.07
N THR A 209 22.31 4.71 -0.55
CA THR A 209 21.83 3.96 -1.72
C THR A 209 20.51 3.24 -1.41
N VAL A 210 19.50 3.48 -2.25
CA VAL A 210 18.18 2.86 -2.08
C VAL A 210 18.20 1.56 -2.87
N LEU A 211 17.97 0.43 -2.18
CA LEU A 211 17.93 -0.88 -2.82
C LEU A 211 16.52 -1.12 -3.41
N GLN A 212 16.26 -0.43 -4.52
CA GLN A 212 14.98 -0.49 -5.23
C GLN A 212 14.86 -1.85 -5.92
N LEU A 213 13.84 -2.60 -5.55
CA LEU A 213 13.52 -3.87 -6.19
C LEU A 213 12.48 -3.55 -7.27
N LYS A 214 12.99 -3.09 -8.42
CA LYS A 214 12.13 -2.59 -9.51
C LYS A 214 11.55 -3.71 -10.36
N GLN A 215 12.38 -4.68 -10.73
CA GLN A 215 11.92 -5.84 -11.51
C GLN A 215 12.79 -7.07 -11.24
N PRO A 216 12.21 -8.29 -11.28
CA PRO A 216 13.04 -9.50 -11.31
C PRO A 216 13.97 -9.47 -12.50
N LEU A 217 15.18 -9.99 -12.33
CA LEU A 217 16.08 -10.16 -13.46
C LEU A 217 15.36 -10.84 -14.63
N ASN A 218 15.42 -10.21 -15.80
CA ASN A 218 14.85 -10.79 -17.01
C ASN A 218 15.73 -11.94 -17.54
N THR A 219 15.15 -13.15 -17.60
CA THR A 219 15.82 -14.34 -18.14
C THR A 219 15.27 -14.81 -19.48
N THR A 220 14.19 -14.19 -19.99
CA THR A 220 13.49 -14.69 -21.15
C THR A 220 13.75 -13.92 -22.46
N ARG A 221 14.20 -12.66 -22.36
CA ARG A 221 14.57 -11.86 -23.52
C ARG A 221 15.75 -12.56 -24.21
N ILE A 222 15.69 -12.61 -25.53
CA ILE A 222 16.77 -13.23 -26.35
C ILE A 222 17.12 -12.35 -27.55
N ASN A 223 18.29 -12.64 -28.13
CA ASN A 223 18.71 -12.08 -29.45
C ASN A 223 18.05 -12.98 -30.50
N ALA A 224 17.13 -12.40 -31.32
CA ALA A 224 16.28 -13.15 -32.23
C ALA A 224 17.03 -14.17 -33.11
N ALA A 225 18.19 -13.78 -33.62
CA ALA A 225 19.10 -14.68 -34.36
C ALA A 225 19.55 -15.95 -33.62
N GLU A 226 19.45 -15.92 -32.28
CA GLU A 226 19.80 -17.05 -31.41
C GLU A 226 18.58 -17.82 -30.92
N ILE A 227 17.43 -17.66 -31.58
CA ILE A 227 16.21 -18.36 -31.16
C ILE A 227 16.32 -19.91 -31.17
N GLU A 228 17.05 -20.47 -32.14
CA GLU A 228 17.25 -21.93 -32.22
C GLU A 228 17.91 -22.49 -30.98
N SER A 229 18.92 -21.80 -30.46
CA SER A 229 19.58 -22.21 -29.22
C SER A 229 18.66 -22.12 -27.99
N ARG A 230 17.83 -21.07 -27.92
N ARG A 230 17.83 -21.07 -27.92
CA ARG A 230 16.84 -20.94 -26.86
CA ARG A 230 16.84 -20.95 -26.84
C ARG A 230 15.75 -22.04 -26.92
C ARG A 230 15.74 -22.04 -26.92
N VAL A 231 15.27 -22.36 -28.12
CA VAL A 231 14.35 -23.50 -28.33
C VAL A 231 15.01 -24.83 -27.88
N ARG A 232 16.28 -25.03 -28.22
CA ARG A 232 17.04 -26.20 -27.76
C ARG A 232 17.06 -26.23 -26.23
N GLU A 233 17.41 -25.11 -25.60
CA GLU A 233 17.46 -24.95 -24.13
C GLU A 233 16.06 -25.18 -23.50
N LEU A 234 15.01 -24.60 -24.08
CA LEU A 234 13.64 -24.78 -23.57
C LEU A 234 13.06 -26.17 -23.79
N SER A 235 13.61 -26.91 -24.76
CA SER A 235 13.24 -28.31 -25.01
C SER A 235 13.79 -29.31 -24.05
N LYS A 236 14.83 -28.95 -23.29
CA LYS A 236 15.50 -29.83 -22.34
C LYS A 236 14.57 -30.20 -21.20
N LEU A 237 14.66 -31.48 -20.81
CA LEU A 237 13.67 -32.19 -20.00
C LEU A 237 14.26 -32.47 -18.61
N LYS A 245 7.85 -29.82 -16.50
CA LYS A 245 8.86 -30.78 -16.95
C LYS A 245 9.93 -30.08 -17.82
N GLN A 246 9.56 -29.69 -19.05
CA GLN A 246 10.49 -28.99 -19.97
C GLN A 246 10.53 -27.49 -19.66
N GLY A 247 11.56 -26.84 -20.19
CA GLY A 247 11.74 -25.40 -20.11
C GLY A 247 10.54 -24.63 -20.61
N PHE A 248 9.97 -25.00 -21.77
CA PHE A 248 8.76 -24.38 -22.29
C PHE A 248 7.60 -24.37 -21.31
N TRP A 249 7.40 -25.48 -20.61
CA TRP A 249 6.30 -25.60 -19.66
C TRP A 249 6.51 -24.65 -18.46
N GLU A 250 7.71 -24.65 -17.90
CA GLU A 250 8.07 -23.72 -16.80
C GLU A 250 7.82 -22.27 -17.21
N GLU A 251 8.28 -21.90 -18.41
CA GLU A 251 8.15 -20.53 -18.88
C GLU A 251 6.69 -20.09 -19.05
N PHE A 252 5.88 -20.93 -19.69
CA PHE A 252 4.47 -20.66 -19.87
C PHE A 252 3.71 -20.58 -18.53
N GLU A 253 4.02 -21.49 -17.61
CA GLU A 253 3.46 -21.47 -16.25
C GLU A 253 3.88 -20.22 -15.44
N THR A 254 5.14 -19.82 -15.56
CA THR A 254 5.65 -18.63 -14.86
C THR A 254 4.93 -17.38 -15.36
N LEU A 255 4.80 -17.25 -16.68
CA LEU A 255 3.97 -16.23 -17.30
C LEU A 255 2.50 -16.27 -16.80
N GLN A 256 1.93 -17.46 -16.74
CA GLN A 256 0.56 -17.64 -16.23
C GLN A 256 0.37 -17.16 -14.79
N GLN A 257 1.41 -17.33 -13.96
CA GLN A 257 1.40 -16.80 -12.60
C GLN A 257 1.29 -15.26 -12.48
N GLN A 258 1.48 -14.54 -13.58
CA GLN A 258 1.35 -13.06 -13.66
C GLN A 258 -0.01 -12.56 -14.08
N GLU A 259 -0.96 -13.47 -14.29
CA GLU A 259 -2.26 -13.12 -14.79
C GLU A 259 -3.17 -12.41 -13.77
N CYS A 260 -2.90 -12.48 -12.47
CA CYS A 260 -3.71 -11.71 -11.50
C CYS A 260 -3.46 -10.19 -11.54
N LYS A 261 -2.39 -9.76 -12.23
CA LYS A 261 -2.18 -8.34 -12.55
C LYS A 261 -3.13 -7.82 -13.64
N LEU A 262 -3.86 -8.71 -14.30
CA LEU A 262 -4.66 -8.41 -15.49
C LEU A 262 -6.17 -8.61 -15.26
N LEU A 263 -6.64 -8.50 -14.01
CA LEU A 263 -8.06 -8.66 -13.70
C LEU A 263 -8.81 -7.34 -13.89
N TYR A 264 -8.76 -6.83 -15.11
CA TYR A 264 -9.41 -5.55 -15.44
C TYR A 264 -10.91 -5.75 -15.63
N SER A 265 -11.67 -4.68 -15.39
CA SER A 265 -13.12 -4.73 -15.40
C SER A 265 -13.63 -5.10 -16.79
N ARG A 266 -14.71 -5.88 -16.82
CA ARG A 266 -15.41 -6.23 -18.03
C ARG A 266 -16.90 -5.97 -17.79
N LYS A 267 -17.22 -4.80 -17.22
CA LYS A 267 -18.57 -4.48 -16.77
C LYS A 267 -19.56 -4.45 -17.92
N GLU A 268 -19.17 -3.87 -19.04
CA GLU A 268 -20.07 -3.75 -20.19
C GLU A 268 -20.46 -5.12 -20.74
N GLY A 269 -19.50 -6.02 -20.90
CA GLY A 269 -19.79 -7.41 -21.27
C GLY A 269 -20.68 -8.19 -20.31
N GLN A 270 -20.67 -7.81 -19.02
CA GLN A 270 -21.50 -8.45 -18.00
C GLN A 270 -22.94 -7.92 -17.94
N ARG A 271 -23.23 -6.81 -18.63
CA ARG A 271 -24.56 -6.21 -18.58
C ARG A 271 -25.56 -7.19 -19.16
N GLN A 272 -26.72 -7.25 -18.52
CA GLN A 272 -27.83 -8.08 -18.98
C GLN A 272 -28.17 -7.79 -20.47
N GLU A 273 -28.09 -6.51 -20.86
CA GLU A 273 -28.43 -6.05 -22.23
C GLU A 273 -27.47 -6.58 -23.31
N ASN A 274 -26.31 -7.12 -22.89
CA ASN A 274 -25.36 -7.74 -23.77
C ASN A 274 -25.18 -9.26 -23.60
N LYS A 275 -25.96 -9.91 -22.75
CA LYS A 275 -25.71 -11.33 -22.42
C LYS A 275 -25.74 -12.26 -23.64
N ASN A 276 -26.60 -11.96 -24.62
CA ASN A 276 -26.74 -12.79 -25.83
C ASN A 276 -25.73 -12.50 -26.90
N LYS A 277 -24.85 -11.53 -26.68
CA LYS A 277 -23.84 -11.11 -27.64
C LYS A 277 -22.48 -11.78 -27.41
N ASN A 278 -22.40 -12.64 -26.38
CA ASN A 278 -21.18 -13.35 -26.01
C ASN A 278 -21.35 -14.83 -26.30
N ARG A 279 -20.40 -15.39 -27.04
CA ARG A 279 -20.40 -16.81 -27.42
C ARG A 279 -20.25 -17.65 -26.18
N TYR A 280 -19.35 -17.22 -25.28
CA TYR A 280 -19.12 -17.83 -24.00
C TYR A 280 -19.38 -16.75 -22.93
N LYS A 281 -20.31 -17.01 -22.02
CA LYS A 281 -20.83 -16.03 -21.06
C LYS A 281 -19.78 -15.26 -20.20
N ASN A 282 -18.69 -15.95 -19.83
CA ASN A 282 -17.65 -15.37 -18.98
C ASN A 282 -16.37 -15.01 -19.72
N ILE A 283 -16.30 -15.16 -21.05
CA ILE A 283 -15.17 -14.72 -21.84
C ILE A 283 -15.59 -13.39 -22.46
N LEU A 284 -15.11 -12.31 -21.83
CA LEU A 284 -15.59 -10.96 -22.10
C LEU A 284 -14.44 -10.02 -22.43
N PRO A 285 -14.72 -8.93 -23.19
CA PRO A 285 -13.75 -7.90 -23.48
C PRO A 285 -13.51 -6.96 -22.30
N PHE A 286 -12.25 -6.57 -22.05
CA PHE A 286 -11.99 -5.55 -21.06
C PHE A 286 -12.69 -4.22 -21.48
N ASP A 287 -13.27 -3.53 -20.52
CA ASP A 287 -13.90 -2.22 -20.80
C ASP A 287 -12.93 -1.21 -21.43
N HIS A 288 -11.69 -1.20 -20.95
CA HIS A 288 -10.70 -0.20 -21.35
C HIS A 288 -10.18 -0.35 -22.77
N THR A 289 -10.32 -1.54 -23.37
CA THR A 289 -9.92 -1.78 -24.75
C THR A 289 -11.03 -2.26 -25.69
N ARG A 290 -12.26 -2.41 -25.21
CA ARG A 290 -13.33 -2.93 -26.08
C ARG A 290 -13.61 -1.97 -27.24
N VAL A 291 -14.07 -2.55 -28.33
CA VAL A 291 -14.51 -1.82 -29.50
C VAL A 291 -15.89 -1.28 -29.21
N VAL A 292 -16.04 0.05 -29.24
CA VAL A 292 -17.31 0.70 -28.93
C VAL A 292 -17.99 0.99 -30.28
N LEU A 293 -19.21 0.50 -30.46
CA LEU A 293 -19.93 0.66 -31.71
C LEU A 293 -20.85 1.88 -31.65
N HIS A 294 -20.75 2.74 -32.65
CA HIS A 294 -21.54 3.97 -32.71
C HIS A 294 -22.66 3.84 -33.73
N ASP A 295 -23.47 4.89 -33.80
CA ASP A 295 -24.57 5.03 -34.78
C ASP A 295 -25.58 3.84 -34.74
N GLY A 296 -25.80 3.30 -33.55
CA GLY A 296 -26.58 2.09 -33.39
C GLY A 296 -28.07 2.38 -33.43
N ASP A 297 -28.82 1.30 -33.58
CA ASP A 297 -30.31 1.36 -33.58
C ASP A 297 -30.77 1.92 -32.22
N PRO A 298 -31.41 3.12 -32.18
CA PRO A 298 -32.01 3.60 -30.91
C PRO A 298 -33.06 2.68 -30.23
N ASN A 299 -33.66 1.76 -31.01
CA ASN A 299 -34.62 0.78 -30.49
C ASN A 299 -33.95 -0.33 -29.67
N GLU A 300 -32.68 -0.65 -29.98
CA GLU A 300 -31.97 -1.70 -29.24
C GLU A 300 -31.58 -1.16 -27.85
N PRO A 301 -31.79 -1.95 -26.76
CA PRO A 301 -31.47 -1.41 -25.41
C PRO A 301 -30.02 -0.95 -25.24
N VAL A 302 -29.08 -1.78 -25.71
CA VAL A 302 -27.70 -1.38 -25.88
C VAL A 302 -27.33 -1.75 -27.31
N SER A 303 -26.77 -0.79 -28.05
CA SER A 303 -26.24 -1.03 -29.40
C SER A 303 -24.75 -0.75 -29.56
N ASP A 304 -24.04 -0.46 -28.46
CA ASP A 304 -22.62 -0.10 -28.53
C ASP A 304 -21.63 -1.23 -28.28
N TYR A 305 -22.12 -2.48 -28.19
CA TYR A 305 -21.32 -3.60 -27.68
C TYR A 305 -21.06 -4.65 -28.73
N ILE A 306 -19.80 -5.04 -28.80
CA ILE A 306 -19.38 -6.29 -29.44
C ILE A 306 -18.28 -6.92 -28.58
N ASN A 307 -18.23 -8.25 -28.58
CA ASN A 307 -17.17 -8.95 -27.87
C ASN A 307 -15.91 -8.88 -28.74
N ALA A 308 -15.15 -7.78 -28.59
CA ALA A 308 -13.96 -7.51 -29.39
C ALA A 308 -13.11 -6.49 -28.64
N ASN A 309 -11.80 -6.58 -28.78
CA ASN A 309 -10.83 -5.63 -28.19
C ASN A 309 -9.83 -5.15 -29.24
N ILE A 310 -9.43 -3.89 -29.12
CA ILE A 310 -8.32 -3.33 -29.91
C ILE A 310 -7.04 -3.82 -29.23
N ILE A 311 -6.14 -4.41 -30.03
CA ILE A 311 -4.81 -4.85 -29.56
C ILE A 311 -3.82 -3.93 -30.27
N MET A 312 -3.12 -3.11 -29.48
CA MET A 312 -2.09 -2.18 -29.93
CA MET A 312 -2.09 -2.18 -29.94
C MET A 312 -0.75 -2.66 -29.37
N PRO A 313 0.21 -3.08 -30.24
CA PRO A 313 1.53 -3.44 -29.67
C PRO A 313 2.18 -2.20 -29.04
N GLU A 314 2.86 -2.39 -27.90
N GLU A 314 2.84 -2.39 -27.89
CA GLU A 314 3.57 -1.33 -27.18
CA GLU A 314 3.56 -1.32 -27.17
C GLU A 314 4.78 -1.95 -26.50
C GLU A 314 4.78 -1.95 -26.50
N PHE A 315 5.92 -1.26 -26.55
CA PHE A 315 7.22 -1.79 -26.01
C PHE A 315 7.97 -0.69 -25.24
N LYS A 325 2.77 1.10 -35.48
CA LYS A 325 2.01 1.18 -36.72
C LYS A 325 0.74 0.29 -36.71
N LYS A 326 0.89 -1.02 -36.95
CA LYS A 326 -0.27 -1.92 -37.20
C LYS A 326 -0.97 -2.31 -35.89
N SER A 327 -2.31 -2.18 -35.84
CA SER A 327 -3.10 -2.66 -34.70
C SER A 327 -4.07 -3.76 -35.16
N TYR A 328 -4.66 -4.45 -34.20
CA TYR A 328 -5.56 -5.58 -34.42
C TYR A 328 -6.84 -5.37 -33.65
N ILE A 329 -7.89 -6.04 -34.11
CA ILE A 329 -9.08 -6.26 -33.35
C ILE A 329 -9.13 -7.77 -33.11
N ALA A 330 -9.08 -8.19 -31.85
CA ALA A 330 -9.24 -9.58 -31.47
C ALA A 330 -10.69 -9.77 -31.10
N THR A 331 -11.34 -10.72 -31.74
CA THR A 331 -12.79 -10.93 -31.51
C THR A 331 -13.17 -12.41 -31.58
N GLN A 332 -14.39 -12.68 -31.12
CA GLN A 332 -14.96 -14.05 -31.15
C GLN A 332 -15.53 -14.35 -32.53
N GLY A 333 -15.78 -15.63 -32.78
CA GLY A 333 -16.59 -16.06 -33.92
C GLY A 333 -18.03 -15.56 -33.75
N CYS A 334 -18.54 -14.89 -34.80
CA CYS A 334 -19.91 -14.36 -34.86
C CYS A 334 -20.98 -15.36 -34.42
N LEU A 335 -21.97 -14.85 -33.71
CA LEU A 335 -23.21 -15.55 -33.46
C LEU A 335 -24.21 -15.07 -34.49
N GLN A 336 -25.27 -15.83 -34.71
CA GLN A 336 -26.33 -15.42 -35.67
C GLN A 336 -26.82 -13.97 -35.42
N ASN A 337 -26.99 -13.63 -34.15
CA ASN A 337 -27.46 -12.27 -33.73
C ASN A 337 -26.38 -11.19 -33.61
N THR A 338 -25.09 -11.53 -33.80
CA THR A 338 -24.01 -10.52 -33.81
C THR A 338 -23.35 -10.29 -35.17
N VAL A 339 -23.81 -10.97 -36.23
CA VAL A 339 -23.23 -10.79 -37.57
C VAL A 339 -23.38 -9.32 -37.99
N ASN A 340 -24.55 -8.72 -37.75
CA ASN A 340 -24.73 -7.29 -38.13
C ASN A 340 -23.78 -6.36 -37.38
N ASP A 341 -23.58 -6.64 -36.09
CA ASP A 341 -22.60 -5.92 -35.24
C ASP A 341 -21.16 -6.05 -35.72
N PHE A 342 -20.79 -7.27 -36.13
CA PHE A 342 -19.51 -7.54 -36.73
C PHE A 342 -19.25 -6.63 -37.94
N TRP A 343 -20.19 -6.55 -38.88
CA TRP A 343 -19.98 -5.70 -40.05
C TRP A 343 -20.04 -4.22 -39.73
N ARG A 344 -20.84 -3.83 -38.74
CA ARG A 344 -20.74 -2.45 -38.19
C ARG A 344 -19.33 -2.13 -37.68
N MET A 345 -18.73 -3.09 -36.98
CA MET A 345 -17.38 -2.93 -36.47
C MET A 345 -16.35 -2.79 -37.57
N VAL A 346 -16.42 -3.70 -38.55
CA VAL A 346 -15.51 -3.72 -39.71
C VAL A 346 -15.61 -2.35 -40.43
N PHE A 347 -16.84 -1.91 -40.65
CA PHE A 347 -17.05 -0.62 -41.35
C PHE A 347 -16.50 0.57 -40.56
N GLN A 348 -16.92 0.65 -39.31
CA GLN A 348 -16.55 1.76 -38.43
C GLN A 348 -15.06 1.92 -38.22
N GLU A 349 -14.37 0.81 -38.01
CA GLU A 349 -12.93 0.82 -37.76
C GLU A 349 -12.11 0.90 -39.06
N ASN A 350 -12.76 0.88 -40.23
CA ASN A 350 -12.10 0.98 -41.53
C ASN A 350 -11.18 -0.23 -41.78
N SER A 351 -11.51 -1.38 -41.18
CA SER A 351 -10.71 -2.58 -41.33
C SER A 351 -10.88 -3.09 -42.76
N ARG A 352 -9.76 -3.47 -43.38
CA ARG A 352 -9.73 -4.00 -44.75
C ARG A 352 -9.25 -5.42 -44.86
N VAL A 353 -8.87 -6.04 -43.74
CA VAL A 353 -8.36 -7.41 -43.69
C VAL A 353 -9.00 -8.11 -42.48
N ILE A 354 -9.55 -9.29 -42.71
CA ILE A 354 -10.09 -10.18 -41.64
C ILE A 354 -9.29 -11.46 -41.74
N VAL A 355 -8.82 -11.94 -40.59
CA VAL A 355 -8.15 -13.22 -40.42
C VAL A 355 -9.08 -14.12 -39.61
N MET A 356 -9.52 -15.19 -40.23
CA MET A 356 -10.35 -16.21 -39.56
C MET A 356 -9.52 -17.46 -39.43
N THR A 357 -9.40 -17.95 -38.20
CA THR A 357 -8.49 -19.07 -37.90
C THR A 357 -9.22 -20.30 -37.37
N THR A 358 -10.48 -20.47 -37.75
CA THR A 358 -11.22 -21.67 -37.43
C THR A 358 -12.03 -22.06 -38.65
N LYS A 359 -12.39 -23.33 -38.73
CA LYS A 359 -13.50 -23.72 -39.60
C LYS A 359 -14.83 -23.26 -38.95
N GLU A 360 -15.90 -23.19 -39.74
CA GLU A 360 -17.24 -22.91 -39.18
C GLU A 360 -17.65 -23.95 -38.12
N VAL A 361 -17.31 -25.22 -38.41
CA VAL A 361 -17.67 -26.33 -37.54
C VAL A 361 -16.41 -27.17 -37.36
N GLU A 362 -16.08 -27.47 -36.10
CA GLU A 362 -14.96 -28.35 -35.78
C GLU A 362 -15.39 -29.34 -34.70
N ARG A 363 -15.08 -30.60 -34.91
CA ARG A 363 -15.45 -31.72 -34.02
C ARG A 363 -16.93 -31.70 -33.62
N GLY A 364 -17.79 -31.46 -34.61
CA GLY A 364 -19.21 -31.49 -34.45
C GLY A 364 -19.80 -30.18 -33.91
N LYS A 365 -18.98 -29.19 -33.55
CA LYS A 365 -19.43 -28.00 -32.84
C LYS A 365 -19.26 -26.73 -33.68
N SER A 366 -20.30 -25.88 -33.76
CA SER A 366 -20.22 -24.60 -34.43
C SER A 366 -19.28 -23.65 -33.64
N LYS A 367 -18.30 -23.09 -34.35
CA LYS A 367 -17.32 -22.16 -33.82
C LYS A 367 -17.54 -20.73 -34.32
N CYS A 368 -18.25 -20.56 -35.43
CA CYS A 368 -18.46 -19.24 -36.04
C CYS A 368 -19.55 -19.43 -37.08
N VAL A 369 -20.58 -18.59 -37.01
CA VAL A 369 -21.62 -18.63 -38.04
C VAL A 369 -21.05 -18.01 -39.31
N LYS A 370 -21.59 -18.41 -40.46
CA LYS A 370 -21.14 -17.89 -41.76
C LYS A 370 -21.61 -16.45 -41.92
N TYR A 371 -20.69 -15.51 -41.75
CA TYR A 371 -20.98 -14.04 -41.84
C TYR A 371 -20.72 -13.40 -43.19
N TRP A 372 -20.38 -14.22 -44.19
CA TRP A 372 -20.05 -13.76 -45.53
C TRP A 372 -20.99 -14.43 -46.52
N PRO A 373 -21.26 -13.77 -47.68
CA PRO A 373 -22.10 -14.44 -48.67
C PRO A 373 -21.32 -15.49 -49.45
N ASP A 374 -22.05 -16.41 -50.08
CA ASP A 374 -21.49 -17.33 -51.07
C ASP A 374 -20.82 -16.57 -52.18
N GLU A 375 -19.85 -17.20 -52.83
CA GLU A 375 -19.15 -16.57 -53.96
C GLU A 375 -20.15 -16.04 -54.99
N TYR A 376 -19.92 -14.80 -55.45
CA TYR A 376 -20.75 -14.06 -56.40
C TYR A 376 -22.10 -13.56 -55.87
N ALA A 377 -22.40 -13.80 -54.60
CA ALA A 377 -23.68 -13.40 -53.99
C ALA A 377 -23.51 -12.09 -53.22
N LEU A 378 -24.65 -11.44 -53.00
CA LEU A 378 -24.78 -10.22 -52.24
C LEU A 378 -25.79 -10.48 -51.13
N LYS A 379 -25.46 -10.06 -49.90
CA LYS A 379 -26.38 -10.13 -48.75
C LYS A 379 -26.38 -8.81 -47.98
N GLU A 380 -27.53 -8.44 -47.45
CA GLU A 380 -27.64 -7.37 -46.47
C GLU A 380 -27.49 -7.95 -45.08
N TYR A 381 -26.76 -7.23 -44.25
CA TYR A 381 -26.56 -7.51 -42.86
C TYR A 381 -26.90 -6.25 -42.07
N GLY A 382 -28.18 -6.11 -41.71
CA GLY A 382 -28.70 -4.86 -41.14
C GLY A 382 -28.53 -3.66 -42.06
N VAL A 383 -27.84 -2.62 -41.59
CA VAL A 383 -27.53 -1.41 -42.39
C VAL A 383 -26.38 -1.58 -43.42
N MET A 384 -25.70 -2.72 -43.40
CA MET A 384 -24.54 -2.96 -44.24
C MET A 384 -24.90 -4.00 -45.31
N ARG A 385 -24.17 -3.97 -46.42
CA ARG A 385 -24.26 -5.00 -47.41
C ARG A 385 -22.87 -5.43 -47.81
N VAL A 386 -22.75 -6.71 -48.12
CA VAL A 386 -21.51 -7.34 -48.49
C VAL A 386 -21.72 -8.15 -49.75
N ARG A 387 -20.86 -7.91 -50.75
CA ARG A 387 -20.79 -8.71 -51.97
C ARG A 387 -19.52 -9.56 -51.88
N ASN A 388 -19.62 -10.84 -52.25
CA ASN A 388 -18.47 -11.74 -52.27
C ASN A 388 -18.10 -11.81 -53.75
N VAL A 389 -17.06 -11.07 -54.11
CA VAL A 389 -16.65 -10.87 -55.49
C VAL A 389 -15.98 -12.12 -56.05
N LYS A 390 -15.03 -12.66 -55.28
CA LYS A 390 -14.19 -13.79 -55.72
C LYS A 390 -13.56 -14.49 -54.53
N GLU A 391 -13.49 -15.82 -54.60
CA GLU A 391 -12.79 -16.67 -53.65
C GLU A 391 -11.61 -17.30 -54.37
N SER A 392 -10.47 -17.31 -53.69
CA SER A 392 -9.23 -17.94 -54.19
C SER A 392 -8.79 -18.94 -53.14
N ALA A 393 -8.69 -20.23 -53.52
CA ALA A 393 -8.40 -21.31 -52.58
C ALA A 393 -6.92 -21.73 -52.69
N ALA A 394 -6.17 -21.52 -51.61
CA ALA A 394 -4.81 -22.01 -51.41
C ALA A 394 -4.87 -23.30 -50.60
N HIS A 395 -3.72 -23.90 -50.35
CA HIS A 395 -3.65 -25.16 -49.61
C HIS A 395 -4.18 -25.03 -48.18
N ASP A 396 -3.71 -24.01 -47.45
CA ASP A 396 -4.03 -23.82 -46.04
C ASP A 396 -5.16 -22.81 -45.77
N TYR A 397 -5.54 -22.02 -46.78
CA TYR A 397 -6.50 -20.94 -46.60
C TYR A 397 -7.30 -20.68 -47.86
N THR A 398 -8.45 -20.03 -47.67
CA THR A 398 -9.22 -19.43 -48.74
C THR A 398 -9.22 -17.93 -48.53
N LEU A 399 -9.06 -17.19 -49.62
CA LEU A 399 -9.15 -15.71 -49.63
C LEU A 399 -10.49 -15.37 -50.25
N ARG A 400 -11.27 -14.54 -49.59
CA ARG A 400 -12.55 -14.02 -50.13
C ARG A 400 -12.42 -12.52 -50.26
N GLU A 401 -12.62 -12.02 -51.49
CA GLU A 401 -12.58 -10.60 -51.75
C GLU A 401 -14.01 -10.10 -51.57
N LEU A 402 -14.24 -9.39 -50.47
CA LEU A 402 -15.57 -8.91 -50.12
C LEU A 402 -15.66 -7.41 -50.38
N LYS A 403 -16.82 -6.91 -50.80
CA LYS A 403 -17.04 -5.48 -50.92
C LYS A 403 -18.13 -5.13 -49.89
N LEU A 404 -17.77 -4.29 -48.94
CA LEU A 404 -18.63 -3.80 -47.86
C LEU A 404 -19.05 -2.36 -48.12
N SER A 405 -20.34 -2.07 -47.96
CA SER A 405 -20.88 -0.71 -48.06
C SER A 405 -22.10 -0.54 -47.15
N LYS A 406 -22.43 0.72 -46.85
CA LYS A 406 -23.64 1.07 -46.13
C LYS A 406 -24.76 1.08 -47.16
N VAL A 407 -25.88 0.43 -46.82
CA VAL A 407 -27.09 0.46 -47.64
C VAL A 407 -27.52 1.96 -47.74
N GLY A 408 -27.88 2.39 -48.94
CA GLY A 408 -28.17 3.80 -49.24
C GLY A 408 -27.01 4.67 -49.72
N GLN A 409 -25.78 4.18 -49.61
CA GLN A 409 -24.56 4.96 -49.83
C GLN A 409 -23.46 4.15 -50.57
N GLY A 410 -23.59 4.00 -51.89
CA GLY A 410 -22.62 3.26 -52.73
C GLY A 410 -21.18 3.79 -52.72
N ASN A 411 -21.05 5.12 -52.60
CA ASN A 411 -19.74 5.80 -52.35
C ASN A 411 -18.97 5.41 -51.07
N THR A 412 -19.59 4.66 -50.16
CA THR A 412 -18.92 4.13 -48.98
C THR A 412 -18.32 2.76 -49.21
N GLU A 413 -18.40 2.21 -50.43
CA GLU A 413 -17.91 0.85 -50.69
C GLU A 413 -16.39 0.77 -50.47
N ARG A 414 -15.95 -0.30 -49.83
CA ARG A 414 -14.50 -0.63 -49.73
C ARG A 414 -14.32 -2.13 -49.74
N THR A 415 -13.15 -2.57 -50.23
CA THR A 415 -12.85 -3.99 -50.31
C THR A 415 -12.31 -4.44 -48.99
N VAL A 416 -12.87 -5.55 -48.48
CA VAL A 416 -12.43 -6.23 -47.25
C VAL A 416 -11.97 -7.62 -47.71
N TRP A 417 -10.72 -7.96 -47.39
CA TRP A 417 -10.06 -9.20 -47.80
C TRP A 417 -10.08 -10.17 -46.61
N GLN A 418 -10.85 -11.23 -46.74
CA GLN A 418 -11.00 -12.23 -45.68
C GLN A 418 -10.07 -13.38 -45.97
N TYR A 419 -9.10 -13.57 -45.08
CA TYR A 419 -8.16 -14.65 -45.12
C TYR A 419 -8.61 -15.72 -44.13
N HIS A 420 -9.11 -16.82 -44.69
CA HIS A 420 -9.72 -17.91 -43.91
C HIS A 420 -8.78 -19.11 -43.84
N PHE A 421 -8.11 -19.25 -42.70
CA PHE A 421 -7.19 -20.36 -42.47
C PHE A 421 -8.03 -21.60 -42.15
N ARG A 422 -7.85 -22.66 -42.94
N ARG A 422 -7.88 -22.68 -42.91
CA ARG A 422 -8.72 -23.84 -42.94
CA ARG A 422 -8.78 -23.84 -42.79
C ARG A 422 -8.14 -25.06 -42.24
C ARG A 422 -8.12 -25.14 -42.38
N THR A 423 -6.81 -25.15 -42.16
CA THR A 423 -6.08 -26.36 -41.78
C THR A 423 -5.54 -26.42 -40.35
N TRP A 424 -5.94 -25.50 -39.46
CA TRP A 424 -5.51 -25.59 -38.06
C TRP A 424 -6.11 -26.91 -37.52
N PRO A 425 -5.29 -27.76 -36.87
CA PRO A 425 -5.84 -29.07 -36.49
C PRO A 425 -6.92 -28.97 -35.38
N ASP A 426 -7.81 -29.95 -35.35
CA ASP A 426 -8.87 -30.00 -34.36
C ASP A 426 -8.38 -30.00 -32.91
N HIS A 427 -7.26 -30.70 -32.66
CA HIS A 427 -6.56 -30.70 -31.38
C HIS A 427 -5.14 -30.22 -31.55
N GLY A 428 -4.65 -29.51 -30.55
CA GLY A 428 -3.25 -29.07 -30.49
C GLY A 428 -2.96 -28.00 -31.53
N VAL A 429 -1.74 -28.01 -32.09
CA VAL A 429 -1.28 -26.92 -33.00
C VAL A 429 -0.75 -27.59 -34.26
N PRO A 430 -0.56 -26.84 -35.35
CA PRO A 430 -0.03 -27.47 -36.56
C PRO A 430 1.34 -28.10 -36.35
N SER A 431 1.63 -29.17 -37.08
CA SER A 431 2.94 -29.86 -36.96
C SER A 431 4.10 -29.07 -37.54
N ASP A 432 3.83 -28.05 -38.35
CA ASP A 432 4.87 -27.17 -38.79
C ASP A 432 4.30 -25.76 -38.88
N PRO A 433 5.17 -24.73 -38.91
CA PRO A 433 4.65 -23.36 -39.00
C PRO A 433 4.48 -22.77 -40.41
N GLY A 434 4.88 -23.49 -41.45
CA GLY A 434 4.96 -22.94 -42.82
C GLY A 434 3.67 -22.40 -43.40
N GLY A 435 2.58 -23.11 -43.14
CA GLY A 435 1.26 -22.72 -43.52
C GLY A 435 0.83 -21.43 -42.86
N VAL A 436 0.98 -21.35 -41.54
CA VAL A 436 0.69 -20.12 -40.79
C VAL A 436 1.59 -18.98 -41.27
N LEU A 437 2.88 -19.25 -41.46
CA LEU A 437 3.82 -18.19 -41.91
C LEU A 437 3.51 -17.61 -43.28
N ASP A 438 3.24 -18.49 -44.25
CA ASP A 438 2.84 -18.09 -45.60
CA ASP A 438 2.84 -18.09 -45.60
C ASP A 438 1.57 -17.23 -45.56
N PHE A 439 0.58 -17.70 -44.81
CA PHE A 439 -0.70 -17.02 -44.58
C PHE A 439 -0.50 -15.63 -43.99
N LEU A 440 0.22 -15.57 -42.88
N LEU A 440 0.23 -15.58 -42.89
CA LEU A 440 0.52 -14.30 -42.21
CA LEU A 440 0.56 -14.34 -42.21
C LEU A 440 1.31 -13.32 -43.10
C LEU A 440 1.31 -13.34 -43.10
N GLU A 441 2.19 -13.85 -43.96
CA GLU A 441 2.93 -13.05 -44.92
C GLU A 441 2.00 -12.41 -45.96
N GLU A 442 1.02 -13.20 -46.45
CA GLU A 442 0.02 -12.65 -47.38
C GLU A 442 -0.86 -11.61 -46.71
N VAL A 443 -1.28 -11.88 -45.47
CA VAL A 443 -2.08 -10.92 -44.66
C VAL A 443 -1.32 -9.60 -44.47
N HIS A 444 -0.06 -9.71 -44.06
CA HIS A 444 0.81 -8.55 -43.83
C HIS A 444 0.95 -7.70 -45.08
N HIS A 445 1.31 -8.34 -46.22
CA HIS A 445 1.44 -7.61 -47.47
C HIS A 445 0.14 -6.98 -47.95
N LYS A 446 -0.99 -7.68 -47.81
CA LYS A 446 -2.27 -7.06 -48.20
C LYS A 446 -2.53 -5.79 -47.37
N GLN A 447 -2.39 -5.90 -46.06
CA GLN A 447 -2.57 -4.78 -45.13
C GLN A 447 -1.62 -3.63 -45.42
N GLU A 448 -0.35 -3.95 -45.67
CA GLU A 448 0.65 -2.94 -45.95
C GLU A 448 0.39 -2.19 -47.28
N SER A 449 -0.20 -2.87 -48.27
CA SER A 449 -0.51 -2.33 -49.59
C SER A 449 -1.71 -1.36 -49.60
N ILE A 450 -2.55 -1.37 -48.56
CA ILE A 450 -3.75 -0.53 -48.52
C ILE A 450 -3.46 0.67 -47.64
N MET A 451 -3.31 1.83 -48.28
N MET A 451 -3.31 1.86 -48.24
CA MET A 451 -3.12 3.09 -47.56
CA MET A 451 -2.73 3.03 -47.57
C MET A 451 -4.33 3.41 -46.73
C MET A 451 -3.35 3.42 -46.21
N ASP A 452 -4.10 3.69 -45.45
N ASP A 452 -4.67 3.52 -46.15
CA ASP A 452 -5.19 4.07 -44.57
CA ASP A 452 -5.32 4.01 -44.92
C ASP A 452 -6.11 2.93 -44.09
C ASP A 452 -6.02 2.94 -44.07
N ALA A 453 -5.70 1.67 -44.27
CA ALA A 453 -6.42 0.54 -43.68
C ALA A 453 -6.41 0.62 -42.15
N GLY A 454 -7.54 0.30 -41.56
CA GLY A 454 -7.70 0.17 -40.13
C GLY A 454 -7.08 -1.08 -39.55
N PRO A 455 -7.45 -1.41 -38.29
CA PRO A 455 -6.95 -2.61 -37.62
C PRO A 455 -7.28 -3.89 -38.38
N VAL A 456 -6.37 -4.85 -38.33
CA VAL A 456 -6.63 -6.20 -38.86
C VAL A 456 -7.53 -6.92 -37.88
N VAL A 457 -8.68 -7.39 -38.37
CA VAL A 457 -9.63 -8.14 -37.50
C VAL A 457 -9.13 -9.57 -37.47
N VAL A 458 -9.01 -10.16 -36.29
CA VAL A 458 -8.55 -11.55 -36.10
C VAL A 458 -9.58 -12.24 -35.18
N HIS A 459 -10.09 -13.40 -35.61
CA HIS A 459 -10.97 -14.21 -34.78
C HIS A 459 -10.78 -15.70 -34.92
N CYS A 460 -11.23 -16.40 -33.89
CA CYS A 460 -11.36 -17.87 -33.90
C CYS A 460 -12.76 -18.17 -33.34
N SER A 461 -12.86 -19.01 -32.31
CA SER A 461 -14.09 -19.32 -31.65
C SER A 461 -14.26 -18.30 -30.51
N ALA A 462 -13.51 -18.47 -29.41
CA ALA A 462 -13.66 -17.53 -28.29
C ALA A 462 -12.85 -16.23 -28.49
N GLY A 463 -11.94 -16.23 -29.46
CA GLY A 463 -11.12 -15.05 -29.75
C GLY A 463 -9.96 -14.80 -28.82
N ILE A 464 -9.48 -15.85 -28.14
CA ILE A 464 -8.34 -15.72 -27.20
C ILE A 464 -7.15 -16.70 -27.45
N GLY A 465 -7.41 -17.97 -27.75
CA GLY A 465 -6.34 -18.94 -27.94
C GLY A 465 -5.61 -18.86 -29.28
N ARG A 466 -6.24 -19.37 -30.32
CA ARG A 466 -5.70 -19.22 -31.69
C ARG A 466 -5.56 -17.77 -32.08
N THR A 467 -6.55 -16.94 -31.76
CA THR A 467 -6.47 -15.51 -32.10
C THR A 467 -5.21 -14.85 -31.48
N GLY A 468 -5.01 -15.10 -30.19
CA GLY A 468 -3.85 -14.67 -29.44
C GLY A 468 -2.55 -15.16 -30.05
N THR A 469 -2.55 -16.45 -30.41
CA THR A 469 -1.36 -17.08 -31.05
C THR A 469 -0.99 -16.38 -32.37
N PHE A 470 -1.96 -16.20 -33.26
N PHE A 470 -1.96 -16.18 -33.27
CA PHE A 470 -1.69 -15.53 -34.55
CA PHE A 470 -1.69 -15.49 -34.54
C PHE A 470 -1.22 -14.08 -34.36
C PHE A 470 -1.19 -14.08 -34.33
N ILE A 471 -1.87 -13.34 -33.46
CA ILE A 471 -1.50 -11.93 -33.18
C ILE A 471 -0.08 -11.79 -32.62
N VAL A 472 0.28 -12.66 -31.66
CA VAL A 472 1.59 -12.59 -31.01
C VAL A 472 2.69 -12.95 -32.03
N ILE A 473 2.47 -14.02 -32.82
CA ILE A 473 3.36 -14.35 -33.94
C ILE A 473 3.55 -13.13 -34.85
N ASP A 474 2.45 -12.53 -35.23
CA ASP A 474 2.53 -11.36 -36.13
C ASP A 474 3.30 -10.18 -35.52
N ILE A 475 3.09 -9.92 -34.24
CA ILE A 475 3.79 -8.85 -33.53
C ILE A 475 5.32 -9.10 -33.51
N LEU A 476 5.69 -10.32 -33.16
CA LEU A 476 7.11 -10.69 -33.04
C LEU A 476 7.82 -10.67 -34.40
N ILE A 477 7.13 -11.19 -35.42
CA ILE A 477 7.65 -11.14 -36.79
C ILE A 477 7.87 -9.70 -37.23
N ASP A 478 6.91 -8.81 -36.94
N ASP A 478 6.91 -8.81 -36.94
CA ASP A 478 7.02 -7.40 -37.32
CA ASP A 478 7.03 -7.38 -37.30
C ASP A 478 8.22 -6.66 -36.68
C ASP A 478 8.25 -6.67 -36.70
N ILE A 479 8.62 -7.04 -35.46
CA ILE A 479 9.85 -6.52 -34.83
C ILE A 479 11.06 -6.89 -35.71
N ILE A 480 11.10 -8.15 -36.14
CA ILE A 480 12.18 -8.65 -37.02
C ILE A 480 12.15 -7.97 -38.41
N ARG A 481 10.94 -7.78 -38.97
CA ARG A 481 10.81 -7.01 -40.22
C ARG A 481 11.47 -5.63 -40.15
N GLU A 482 11.26 -4.95 -39.03
CA GLU A 482 11.76 -3.60 -38.84
C GLU A 482 13.26 -3.61 -38.54
N LYS A 483 13.67 -4.43 -37.58
CA LYS A 483 15.01 -4.35 -36.98
C LYS A 483 16.04 -5.35 -37.51
N GLY A 484 15.61 -6.34 -38.29
CA GLY A 484 16.47 -7.44 -38.71
C GLY A 484 16.59 -8.46 -37.59
N VAL A 485 17.37 -9.51 -37.83
N VAL A 485 17.41 -9.47 -37.85
CA VAL A 485 17.50 -10.62 -36.90
CA VAL A 485 17.57 -10.61 -36.98
C VAL A 485 18.38 -10.32 -35.68
C VAL A 485 18.38 -10.32 -35.71
N ASP A 486 19.26 -9.33 -35.77
CA ASP A 486 20.04 -8.84 -34.62
C ASP A 486 19.22 -7.79 -33.82
N CYS A 487 18.29 -8.30 -33.05
CA CYS A 487 17.41 -7.50 -32.19
C CYS A 487 16.83 -8.37 -31.08
N ASP A 488 16.45 -7.68 -30.00
CA ASP A 488 15.91 -8.36 -28.83
C ASP A 488 14.45 -8.66 -29.05
N ILE A 489 14.05 -9.88 -28.72
CA ILE A 489 12.63 -10.20 -28.59
C ILE A 489 12.41 -10.89 -27.26
N ASP A 490 11.18 -10.84 -26.77
CA ASP A 490 10.86 -11.39 -25.46
C ASP A 490 9.46 -11.90 -25.54
N VAL A 491 9.33 -13.21 -25.78
CA VAL A 491 8.05 -13.84 -26.04
C VAL A 491 7.06 -13.66 -24.87
N PRO A 492 7.46 -14.04 -23.63
CA PRO A 492 6.49 -13.89 -22.53
C PRO A 492 6.12 -12.45 -22.19
N LYS A 493 7.08 -11.54 -22.31
CA LYS A 493 6.82 -10.10 -22.13
C LYS A 493 5.75 -9.61 -23.10
N THR A 494 5.93 -9.94 -24.37
CA THR A 494 4.96 -9.60 -25.43
C THR A 494 3.57 -10.17 -25.18
N ILE A 495 3.51 -11.42 -24.75
CA ILE A 495 2.22 -12.05 -24.43
C ILE A 495 1.53 -11.34 -23.26
N GLN A 496 2.28 -11.00 -22.21
CA GLN A 496 1.72 -10.26 -21.07
C GLN A 496 1.12 -8.92 -21.52
N MET A 497 1.81 -8.25 -22.43
CA MET A 497 1.31 -6.98 -22.99
C MET A 497 0.00 -7.15 -23.77
N VAL A 498 -0.08 -8.19 -24.58
CA VAL A 498 -1.33 -8.52 -25.31
C VAL A 498 -2.44 -8.96 -24.33
N ARG A 499 -2.10 -9.77 -23.32
CA ARG A 499 -3.09 -10.17 -22.30
C ARG A 499 -3.66 -9.04 -21.45
N SER A 500 -2.96 -7.91 -21.38
CA SER A 500 -3.46 -6.71 -20.75
C SER A 500 -4.57 -6.02 -21.57
N GLN A 501 -4.74 -6.43 -22.83
CA GLN A 501 -5.70 -5.84 -23.75
C GLN A 501 -6.88 -6.79 -24.09
N ARG A 502 -6.72 -8.11 -23.96
CA ARG A 502 -7.84 -9.03 -24.03
C ARG A 502 -7.50 -10.22 -23.16
N SER A 503 -8.47 -10.66 -22.36
CA SER A 503 -8.28 -11.75 -21.40
C SER A 503 -7.72 -13.03 -22.04
N GLY A 504 -6.63 -13.55 -21.46
CA GLY A 504 -6.19 -14.92 -21.76
C GLY A 504 -5.62 -15.17 -23.14
N MET A 505 -5.15 -14.11 -23.80
CA MET A 505 -4.58 -14.25 -25.11
C MET A 505 -3.40 -15.24 -25.05
N VAL A 506 -3.46 -16.26 -25.90
CA VAL A 506 -2.57 -17.44 -25.91
C VAL A 506 -2.96 -18.34 -24.72
N GLN A 507 -3.57 -19.48 -25.04
CA GLN A 507 -4.23 -20.32 -24.02
C GLN A 507 -3.35 -21.45 -23.48
N THR A 508 -2.51 -22.05 -24.33
CA THR A 508 -1.82 -23.30 -23.96
C THR A 508 -0.34 -23.28 -24.17
N GLU A 509 0.31 -24.22 -23.48
CA GLU A 509 1.72 -24.43 -23.66
C GLU A 509 2.05 -24.85 -25.11
N ALA A 510 1.18 -25.63 -25.75
CA ALA A 510 1.40 -26.05 -27.15
C ALA A 510 1.41 -24.83 -28.07
N GLN A 511 0.50 -23.89 -27.83
CA GLN A 511 0.52 -22.63 -28.56
C GLN A 511 1.79 -21.80 -28.32
N TYR A 512 2.23 -21.73 -27.08
CA TYR A 512 3.44 -21.02 -26.70
C TYR A 512 4.67 -21.54 -27.44
N ARG A 513 4.85 -22.85 -27.42
CA ARG A 513 5.91 -23.49 -28.20
C ARG A 513 5.78 -23.23 -29.71
N PHE A 514 4.56 -23.23 -30.21
CA PHE A 514 4.29 -22.95 -31.61
C PHE A 514 4.69 -21.53 -32.01
N ILE A 515 4.50 -20.57 -31.09
CA ILE A 515 4.95 -19.18 -31.30
C ILE A 515 6.45 -19.14 -31.52
N TYR A 516 7.19 -19.80 -30.64
CA TYR A 516 8.62 -19.91 -30.80
C TYR A 516 8.98 -20.59 -32.12
N MET A 517 8.27 -21.66 -32.48
N MET A 517 8.28 -21.67 -32.50
CA MET A 517 8.51 -22.40 -33.71
CA MET A 517 8.59 -22.38 -33.74
C MET A 517 8.30 -21.52 -34.94
C MET A 517 8.31 -21.52 -34.97
N ALA A 518 7.20 -20.80 -34.97
CA ALA A 518 6.87 -19.85 -36.07
C ALA A 518 7.89 -18.76 -36.24
N VAL A 519 8.26 -18.10 -35.13
CA VAL A 519 9.31 -17.06 -35.15
C VAL A 519 10.66 -17.63 -35.63
N GLN A 520 11.10 -18.77 -35.07
CA GLN A 520 12.31 -19.44 -35.52
C GLN A 520 12.34 -19.68 -37.03
N HIS A 521 11.25 -20.24 -37.55
CA HIS A 521 11.20 -20.59 -38.97
C HIS A 521 11.01 -19.36 -39.88
N TYR A 522 10.43 -18.26 -39.35
CA TYR A 522 10.44 -16.97 -40.05
C TYR A 522 11.88 -16.49 -40.26
N ILE A 523 12.64 -16.47 -39.17
CA ILE A 523 14.04 -16.10 -39.17
C ILE A 523 14.84 -16.97 -40.15
N GLU A 524 14.62 -18.27 -40.08
CA GLU A 524 15.32 -19.23 -40.96
C GLU A 524 15.01 -19.16 -42.46
N THR A 525 13.88 -18.57 -42.84
CA THR A 525 13.50 -18.42 -44.27
C THR A 525 13.74 -17.02 -44.88
N LEU A 526 14.58 -16.20 -44.25
CA LEU A 526 14.81 -14.81 -44.75
C LEU A 526 15.68 -14.75 -46.01
N SER B 4 -0.25 2.05 13.93
CA SER B 4 -0.29 1.80 15.42
C SER B 4 1.08 1.31 15.98
N ARG B 5 1.35 1.60 17.25
CA ARG B 5 2.61 1.24 17.94
C ARG B 5 2.65 -0.27 18.37
N ARG B 6 2.81 -1.18 17.38
CA ARG B 6 2.54 -2.65 17.58
C ARG B 6 3.50 -3.37 18.55
N TRP B 7 4.72 -2.87 18.68
CA TRP B 7 5.73 -3.39 19.63
C TRP B 7 5.46 -3.01 21.11
N PHE B 8 4.47 -2.13 21.38
CA PHE B 8 4.02 -1.78 22.74
C PHE B 8 2.85 -2.68 23.12
N HIS B 9 2.98 -3.41 24.24
CA HIS B 9 1.97 -4.36 24.72
C HIS B 9 1.37 -3.76 26.02
N PRO B 10 0.18 -3.12 25.92
N PRO B 10 0.16 -3.14 25.94
CA PRO B 10 -0.29 -2.32 27.06
CA PRO B 10 -0.49 -2.73 27.19
C PRO B 10 -0.74 -3.10 28.29
C PRO B 10 -1.03 -3.96 27.91
N ASN B 11 -1.09 -4.36 28.15
N ASN B 11 -1.20 -3.86 29.22
CA ASN B 11 -1.74 -5.05 29.26
CA ASN B 11 -1.77 -4.98 29.98
C ASN B 11 -1.05 -6.35 29.66
C ASN B 11 -1.06 -6.32 29.72
N ILE B 12 0.28 -6.32 29.77
CA ILE B 12 1.07 -7.54 30.08
C ILE B 12 1.96 -7.31 31.30
N THR B 13 2.25 -8.43 31.97
CA THR B 13 3.21 -8.49 33.07
C THR B 13 4.61 -8.76 32.51
N GLY B 14 5.62 -8.63 33.38
CA GLY B 14 7.00 -9.04 33.07
C GLY B 14 7.16 -10.49 32.68
N VAL B 15 6.50 -11.36 33.45
CA VAL B 15 6.48 -12.81 33.17
C VAL B 15 5.88 -13.11 31.79
N GLU B 16 4.72 -12.52 31.50
CA GLU B 16 4.12 -12.63 30.15
C GLU B 16 5.03 -12.12 29.04
N ALA B 17 5.69 -10.98 29.27
CA ALA B 17 6.65 -10.42 28.31
C ALA B 17 7.78 -11.40 28.00
N GLU B 18 8.36 -12.01 29.05
CA GLU B 18 9.41 -13.02 28.89
C GLU B 18 8.98 -14.24 28.08
N ASN B 19 7.81 -14.79 28.43
CA ASN B 19 7.23 -15.92 27.71
C ASN B 19 6.97 -15.63 26.22
N LEU B 20 6.42 -14.46 25.91
CA LEU B 20 6.20 -14.04 24.51
C LEU B 20 7.51 -14.05 23.72
N LEU B 21 8.53 -13.39 24.28
CA LEU B 21 9.85 -13.33 23.66
C LEU B 21 10.55 -14.69 23.53
N LEU B 22 10.46 -15.50 24.58
CA LEU B 22 11.02 -16.85 24.55
C LEU B 22 10.27 -17.84 23.64
N THR B 23 8.96 -17.63 23.40
CA THR B 23 8.15 -18.57 22.60
C THR B 23 7.99 -18.12 21.15
N ARG B 24 7.65 -16.84 20.95
CA ARG B 24 7.42 -16.27 19.61
C ARG B 24 8.57 -15.41 19.07
N GLY B 25 9.58 -15.11 19.92
CA GLY B 25 10.70 -14.27 19.52
C GLY B 25 11.95 -15.07 19.23
N VAL B 26 12.95 -14.35 18.74
CA VAL B 26 14.34 -14.84 18.56
C VAL B 26 15.28 -13.82 19.20
N ASP B 27 16.58 -14.11 19.21
CA ASP B 27 17.59 -13.17 19.70
C ASP B 27 17.51 -11.88 18.86
N GLY B 28 17.44 -10.76 19.56
CA GLY B 28 17.12 -9.45 18.98
C GLY B 28 15.66 -9.00 19.00
N SER B 29 14.73 -9.92 19.29
CA SER B 29 13.32 -9.57 19.46
C SER B 29 13.10 -8.77 20.73
N PHE B 30 12.18 -7.82 20.67
CA PHE B 30 11.90 -6.95 21.80
C PHE B 30 10.45 -6.44 21.81
N LEU B 31 10.04 -5.97 22.98
CA LEU B 31 8.80 -5.28 23.16
C LEU B 31 8.93 -4.25 24.26
N ALA B 32 7.98 -3.32 24.28
CA ALA B 32 7.84 -2.35 25.38
C ALA B 32 6.49 -2.56 26.08
N ARG B 33 6.46 -2.32 27.38
CA ARG B 33 5.27 -2.48 28.18
C ARG B 33 5.21 -1.44 29.30
N PRO B 34 3.98 -1.09 29.74
CA PRO B 34 3.86 -0.18 30.87
C PRO B 34 3.83 -0.92 32.19
N SER B 35 4.12 -0.19 33.26
CA SER B 35 3.84 -0.62 34.63
C SER B 35 2.32 -0.78 34.83
N LYS B 36 1.98 -1.81 35.58
CA LYS B 36 0.59 -2.03 36.02
C LYS B 36 0.11 -1.01 37.07
N SER B 37 1.03 -0.39 37.83
CA SER B 37 0.69 0.54 38.93
C SER B 37 1.06 2.02 38.73
N ASN B 38 2.05 2.30 37.91
CA ASN B 38 2.70 3.61 37.87
C ASN B 38 2.62 4.14 36.41
N PRO B 39 1.84 5.22 36.12
N PRO B 39 1.81 5.20 36.14
CA PRO B 39 1.72 5.74 34.73
CA PRO B 39 1.95 5.90 34.86
C PRO B 39 3.02 6.26 34.04
C PRO B 39 3.36 6.51 34.79
N GLY B 40 4.02 6.65 34.83
N GLY B 40 3.95 6.55 33.62
CA GLY B 40 5.32 7.08 34.27
CA GLY B 40 5.33 7.01 33.54
C GLY B 40 6.36 6.01 33.90
C GLY B 40 6.44 6.04 33.99
N ASP B 41 6.12 4.77 34.31
CA ASP B 41 7.14 3.68 34.36
C ASP B 41 6.88 2.75 33.19
N PHE B 42 7.93 2.41 32.47
CA PHE B 42 7.86 1.49 31.32
C PHE B 42 9.09 0.58 31.34
N THR B 43 8.97 -0.55 30.63
CA THR B 43 10.04 -1.54 30.53
C THR B 43 10.24 -1.89 29.08
N LEU B 44 11.52 -1.91 28.67
CA LEU B 44 11.92 -2.46 27.37
C LEU B 44 12.47 -3.84 27.67
N SER B 45 11.86 -4.86 27.06
CA SER B 45 12.19 -6.24 27.26
C SER B 45 12.82 -6.77 25.98
N VAL B 46 14.03 -7.32 26.07
CA VAL B 46 14.83 -7.67 24.90
C VAL B 46 15.38 -9.08 25.07
N ARG B 47 15.14 -9.93 24.07
CA ARG B 47 15.69 -11.26 24.04
C ARG B 47 17.12 -11.23 23.51
N ARG B 48 18.03 -11.91 24.22
CA ARG B 48 19.43 -12.02 23.82
C ARG B 48 20.11 -13.17 24.55
N ASN B 49 20.89 -13.96 23.82
CA ASN B 49 21.53 -15.19 24.35
C ASN B 49 20.51 -16.19 24.94
N GLY B 50 19.35 -16.33 24.28
CA GLY B 50 18.24 -17.19 24.76
C GLY B 50 17.63 -16.83 26.11
N ALA B 51 17.77 -15.57 26.52
CA ALA B 51 17.27 -15.05 27.81
C ALA B 51 16.72 -13.66 27.58
N VAL B 52 15.94 -13.14 28.53
CA VAL B 52 15.34 -11.82 28.36
C VAL B 52 15.97 -10.84 29.36
N THR B 53 16.37 -9.68 28.85
CA THR B 53 16.86 -8.57 29.66
C THR B 53 15.76 -7.48 29.64
N HIS B 54 15.51 -6.89 30.81
CA HIS B 54 14.49 -5.85 31.00
C HIS B 54 15.18 -4.56 31.35
N ILE B 55 14.85 -3.48 30.66
CA ILE B 55 15.51 -2.18 30.88
C ILE B 55 14.41 -1.19 31.25
N LYS B 56 14.56 -0.54 32.40
CA LYS B 56 13.55 0.37 32.91
C LYS B 56 13.65 1.73 32.19
N ILE B 57 12.49 2.33 31.98
CA ILE B 57 12.34 3.66 31.37
C ILE B 57 11.38 4.43 32.31
N GLN B 58 11.71 5.68 32.64
CA GLN B 58 10.83 6.51 33.46
C GLN B 58 10.59 7.83 32.78
N ASN B 59 9.37 8.33 32.93
CA ASN B 59 9.05 9.66 32.52
C ASN B 59 8.58 10.41 33.75
N THR B 60 9.37 11.36 34.20
CA THR B 60 8.97 12.20 35.30
C THR B 60 8.48 13.58 34.82
N GLY B 61 8.09 13.72 33.55
CA GLY B 61 7.44 14.96 33.11
C GLY B 61 8.11 15.70 31.98
N ASP B 62 9.42 15.53 31.82
CA ASP B 62 10.20 16.26 30.80
C ASP B 62 10.68 15.44 29.62
N TYR B 63 10.87 14.14 29.82
CA TYR B 63 11.36 13.24 28.74
C TYR B 63 11.26 11.80 29.24
N TYR B 64 11.41 10.84 28.34
CA TYR B 64 11.62 9.42 28.69
C TYR B 64 13.10 9.20 28.93
N ASP B 65 13.43 8.62 30.09
CA ASP B 65 14.78 8.45 30.56
C ASP B 65 15.02 6.92 30.61
N LEU B 66 15.82 6.41 29.67
CA LEU B 66 16.20 4.98 29.62
C LEU B 66 17.36 4.75 30.54
N TYR B 67 17.20 3.87 31.54
CA TYR B 67 18.23 3.62 32.55
C TYR B 67 19.47 3.04 31.86
N GLY B 68 20.62 3.67 32.12
CA GLY B 68 21.88 3.36 31.40
C GLY B 68 21.84 3.66 29.90
N GLY B 69 20.92 4.52 29.48
CA GLY B 69 20.76 4.89 28.07
C GLY B 69 20.50 6.37 28.00
N GLU B 70 19.86 6.79 26.93
CA GLU B 70 19.69 8.23 26.61
C GLU B 70 18.24 8.67 26.86
N LYS B 71 17.99 9.96 26.63
CA LYS B 71 16.70 10.58 26.90
C LYS B 71 15.97 10.83 25.59
N PHE B 72 14.67 10.59 25.59
CA PHE B 72 13.83 10.60 24.37
C PHE B 72 12.48 11.28 24.55
N ALA B 73 11.98 11.86 23.47
CA ALA B 73 10.66 12.50 23.46
C ALA B 73 9.48 11.52 23.44
N THR B 74 9.62 10.41 22.74
CA THR B 74 8.63 9.32 22.73
C THR B 74 9.33 7.98 22.74
N LEU B 75 8.58 6.94 23.13
CA LEU B 75 9.10 5.58 23.03
C LEU B 75 9.36 5.13 21.57
N ALA B 76 8.53 5.61 20.62
CA ALA B 76 8.76 5.33 19.21
C ALA B 76 10.09 5.93 18.72
N GLU B 77 10.41 7.17 19.14
CA GLU B 77 11.72 7.77 18.82
C GLU B 77 12.90 7.00 19.50
N LEU B 78 12.70 6.56 20.73
CA LEU B 78 13.65 5.69 21.47
C LEU B 78 13.93 4.41 20.68
N VAL B 79 12.87 3.71 20.29
CA VAL B 79 12.99 2.47 19.55
C VAL B 79 13.64 2.69 18.19
N GLN B 80 13.24 3.75 17.45
CA GLN B 80 13.83 4.03 16.16
C GLN B 80 15.34 4.30 16.29
N TYR B 81 15.71 5.08 17.31
CA TYR B 81 17.12 5.39 17.59
C TYR B 81 18.00 4.13 17.76
N TYR B 82 17.59 3.25 18.66
CA TYR B 82 18.41 2.05 18.97
C TYR B 82 18.35 0.98 17.87
N MET B 83 17.21 0.87 17.16
CA MET B 83 17.16 0.03 15.95
C MET B 83 18.09 0.49 14.83
N GLU B 84 18.35 1.79 14.73
CA GLU B 84 19.23 2.37 13.70
C GLU B 84 20.69 2.58 14.12
N HIS B 85 20.95 2.76 15.41
CA HIS B 85 22.31 3.00 15.93
C HIS B 85 22.76 1.80 16.77
N HIS B 86 23.37 0.84 16.07
CA HIS B 86 24.01 -0.35 16.68
C HIS B 86 25.08 0.02 17.69
N GLY B 87 25.26 -0.87 18.68
CA GLY B 87 26.27 -0.68 19.72
C GLY B 87 25.91 0.25 20.87
N GLN B 88 24.88 1.11 20.72
CA GLN B 88 24.62 2.21 21.67
C GLN B 88 23.87 1.80 22.94
N LEU B 89 22.99 0.80 22.85
CA LEU B 89 22.32 0.25 24.02
C LEU B 89 23.23 -0.81 24.62
N LYS B 90 23.67 -0.59 25.87
CA LYS B 90 24.66 -1.47 26.52
C LYS B 90 24.25 -1.92 27.92
N GLU B 91 24.65 -3.14 28.28
N GLU B 91 24.66 -3.14 28.28
CA GLU B 91 24.59 -3.64 29.65
CA GLU B 91 24.58 -3.64 29.65
C GLU B 91 25.67 -2.95 30.48
C GLU B 91 25.68 -2.97 30.48
N LYS B 92 25.55 -3.05 31.81
CA LYS B 92 26.55 -2.53 32.76
C LYS B 92 27.97 -3.06 32.48
N ASN B 93 28.08 -4.39 32.29
CA ASN B 93 29.34 -5.07 31.85
C ASN B 93 29.98 -4.59 30.53
N GLY B 94 29.19 -3.97 29.64
CA GLY B 94 29.63 -3.41 28.37
C GLY B 94 28.99 -4.04 27.14
N ASP B 95 28.42 -5.26 27.28
CA ASP B 95 27.84 -6.02 26.17
C ASP B 95 26.72 -5.25 25.47
N VAL B 96 26.70 -5.35 24.14
CA VAL B 96 25.73 -4.67 23.30
C VAL B 96 24.41 -5.42 23.39
N ILE B 97 23.33 -4.66 23.60
CA ILE B 97 21.95 -5.14 23.59
C ILE B 97 21.38 -4.69 22.24
N GLU B 98 21.07 -5.63 21.36
CA GLU B 98 20.60 -5.31 20.00
C GLU B 98 19.08 -5.34 19.94
N LEU B 99 18.48 -4.25 19.46
CA LEU B 99 17.04 -4.20 19.17
C LEU B 99 16.87 -4.43 17.68
N LYS B 100 16.51 -5.65 17.32
CA LYS B 100 16.39 -6.08 15.92
C LYS B 100 14.95 -6.20 15.46
N TYR B 101 14.12 -6.97 16.18
CA TYR B 101 12.82 -7.45 15.68
C TYR B 101 11.71 -7.04 16.65
N PRO B 102 10.90 -6.01 16.32
CA PRO B 102 9.76 -5.70 17.18
C PRO B 102 8.78 -6.88 17.27
N LEU B 103 8.44 -7.33 18.48
CA LEU B 103 7.48 -8.42 18.64
C LEU B 103 6.11 -7.75 18.74
N ASN B 104 5.27 -8.01 17.76
CA ASN B 104 3.98 -7.33 17.63
C ASN B 104 2.91 -7.87 18.57
N CYS B 105 2.21 -6.95 19.22
CA CYS B 105 1.01 -7.22 20.00
C CYS B 105 -0.13 -7.62 19.09
N ALA B 106 -0.77 -8.75 19.40
CA ALA B 106 -1.95 -9.25 18.69
C ALA B 106 -3.25 -8.97 19.46
N ASP B 107 -3.15 -8.28 20.61
CA ASP B 107 -4.30 -7.98 21.46
C ASP B 107 -4.98 -6.74 20.86
N PRO B 108 -6.24 -6.85 20.44
CA PRO B 108 -6.90 -5.65 19.93
C PRO B 108 -7.38 -4.62 20.98
N THR B 109 -7.35 -4.98 22.27
CA THR B 109 -8.01 -4.22 23.36
C THR B 109 -7.78 -2.72 23.29
N SER B 110 -6.53 -2.33 23.08
CA SER B 110 -6.16 -0.92 23.03
C SER B 110 -6.40 -0.19 21.70
N GLU B 111 -6.87 -0.89 20.65
CA GLU B 111 -7.13 -0.23 19.38
C GLU B 111 -8.31 0.75 19.54
N ARG B 112 -8.19 1.91 18.91
CA ARG B 112 -9.20 2.98 19.02
C ARG B 112 -10.61 2.56 18.58
N TRP B 113 -10.66 1.66 17.61
CA TRP B 113 -11.88 1.09 17.06
C TRP B 113 -12.44 -0.10 17.86
N PHE B 114 -11.68 -0.66 18.81
CA PHE B 114 -12.13 -1.85 19.57
C PHE B 114 -13.01 -1.45 20.76
N HIS B 115 -14.22 -2.00 20.83
CA HIS B 115 -15.18 -1.68 21.88
C HIS B 115 -15.59 -2.89 22.74
N GLY B 116 -14.91 -4.01 22.61
CA GLY B 116 -15.08 -5.14 23.54
C GLY B 116 -16.52 -5.63 23.61
N HIS B 117 -17.03 -5.77 24.84
CA HIS B 117 -18.41 -6.21 25.11
C HIS B 117 -19.33 -5.00 24.86
N LEU B 118 -19.92 -4.96 23.67
CA LEU B 118 -20.84 -3.87 23.25
C LEU B 118 -21.90 -4.51 22.39
N SER B 119 -23.18 -4.22 22.65
CA SER B 119 -24.27 -4.81 21.85
C SER B 119 -24.44 -4.07 20.53
N GLY B 120 -25.16 -4.70 19.61
CA GLY B 120 -25.48 -4.09 18.31
C GLY B 120 -26.37 -2.86 18.40
N LYS B 121 -27.31 -2.87 19.36
CA LYS B 121 -28.16 -1.71 19.63
C LYS B 121 -27.31 -0.54 20.18
N GLU B 122 -26.42 -0.84 21.14
CA GLU B 122 -25.46 0.14 21.70
C GLU B 122 -24.53 0.73 20.63
N ALA B 123 -24.01 -0.15 19.75
CA ALA B 123 -23.16 0.25 18.61
C ALA B 123 -23.90 1.13 17.62
N GLU B 124 -25.14 0.78 17.30
CA GLU B 124 -26.00 1.64 16.45
C GLU B 124 -26.25 3.01 17.07
N LYS B 125 -26.54 3.03 18.37
CA LYS B 125 -26.80 4.28 19.12
C LYS B 125 -25.59 5.20 19.04
N LEU B 126 -24.42 4.64 19.36
CA LEU B 126 -23.16 5.39 19.35
C LEU B 126 -22.80 5.92 17.95
N LEU B 127 -22.94 5.08 16.92
CA LEU B 127 -22.68 5.51 15.53
C LEU B 127 -23.69 6.53 15.00
N THR B 128 -24.96 6.38 15.39
CA THR B 128 -26.01 7.33 15.04
C THR B 128 -25.74 8.71 15.68
N GLU B 129 -25.43 8.73 16.97
CA GLU B 129 -25.30 9.98 17.73
C GLU B 129 -23.97 10.71 17.50
N LYS B 130 -22.86 9.97 17.61
CA LYS B 130 -21.49 10.53 17.51
C LYS B 130 -20.78 10.32 16.17
N GLY B 131 -21.23 9.34 15.37
CA GLY B 131 -20.55 8.97 14.14
C GLY B 131 -20.85 9.89 12.97
N LYS B 132 -20.01 9.78 11.95
CA LYS B 132 -20.22 10.41 10.66
C LYS B 132 -19.90 9.39 9.57
N HIS B 133 -19.94 9.81 8.31
CA HIS B 133 -19.55 8.95 7.17
C HIS B 133 -18.17 8.33 7.41
N GLY B 134 -18.12 7.01 7.34
CA GLY B 134 -16.92 6.29 7.51
C GLY B 134 -16.50 5.95 8.94
N SER B 135 -17.30 6.30 9.95
CA SER B 135 -17.01 5.97 11.34
C SER B 135 -17.30 4.50 11.57
N PHE B 136 -16.38 3.82 12.25
CA PHE B 136 -16.53 2.41 12.52
C PHE B 136 -16.07 1.99 13.89
N LEU B 137 -16.52 0.80 14.25
CA LEU B 137 -16.03 0.14 15.43
C LEU B 137 -16.09 -1.37 15.23
N VAL B 138 -15.39 -2.07 16.10
CA VAL B 138 -15.46 -3.53 16.18
C VAL B 138 -15.81 -3.90 17.61
N ARG B 139 -16.70 -4.88 17.74
CA ARG B 139 -17.21 -5.34 19.04
C ARG B 139 -17.26 -6.86 19.05
N GLU B 140 -17.24 -7.44 20.25
CA GLU B 140 -17.42 -8.87 20.44
C GLU B 140 -18.86 -9.27 20.09
N SER B 141 -19.01 -10.38 19.37
CA SER B 141 -20.33 -10.95 19.07
C SER B 141 -20.89 -11.60 20.33
N GLN B 142 -22.17 -11.33 20.61
CA GLN B 142 -22.88 -11.92 21.77
C GLN B 142 -23.53 -13.28 21.45
N SER B 143 -23.91 -13.50 20.20
CA SER B 143 -24.40 -14.82 19.72
C SER B 143 -23.31 -15.89 19.64
N HIS B 144 -22.15 -15.52 19.09
CA HIS B 144 -21.06 -16.45 18.75
C HIS B 144 -19.77 -16.08 19.51
N PRO B 145 -19.53 -16.67 20.70
CA PRO B 145 -18.29 -16.46 21.46
C PRO B 145 -17.02 -16.60 20.62
N GLY B 146 -16.13 -15.64 20.72
CA GLY B 146 -14.92 -15.58 19.92
C GLY B 146 -15.04 -14.82 18.60
N ASP B 147 -16.24 -14.70 18.03
CA ASP B 147 -16.48 -13.89 16.84
C ASP B 147 -16.64 -12.41 17.18
N PHE B 148 -16.56 -11.59 16.13
CA PHE B 148 -16.64 -10.15 16.25
C PHE B 148 -17.60 -9.62 15.21
N VAL B 149 -17.94 -8.35 15.36
CA VAL B 149 -18.80 -7.62 14.42
C VAL B 149 -18.15 -6.27 14.15
N LEU B 150 -18.04 -5.93 12.87
CA LEU B 150 -17.58 -4.60 12.44
C LEU B 150 -18.82 -3.80 12.10
N SER B 151 -19.03 -2.67 12.78
CA SER B 151 -20.16 -1.77 12.51
C SER B 151 -19.63 -0.48 11.89
N VAL B 152 -20.16 -0.13 10.72
N VAL B 152 -20.16 -0.12 10.72
CA VAL B 152 -19.68 1.02 9.93
CA VAL B 152 -19.67 1.03 9.97
C VAL B 152 -20.84 1.91 9.56
C VAL B 152 -20.84 1.91 9.54
N ARG B 153 -20.72 3.21 9.83
CA ARG B 153 -21.69 4.21 9.40
C ARG B 153 -21.24 4.73 8.04
N THR B 154 -22.16 4.70 7.05
CA THR B 154 -21.94 5.35 5.76
C THR B 154 -23.09 6.30 5.48
N GLY B 155 -22.86 7.31 4.63
CA GLY B 155 -23.89 8.29 4.30
C GLY B 155 -23.44 9.70 3.98
N ASP B 156 -24.43 10.59 4.02
CA ASP B 156 -24.28 11.99 3.66
C ASP B 156 -24.20 12.75 4.98
N ASP B 157 -23.02 13.30 5.27
CA ASP B 157 -22.81 14.19 6.43
C ASP B 157 -23.55 15.54 6.35
N LYS B 158 -23.91 15.99 5.13
CA LYS B 158 -24.62 17.26 4.92
C LYS B 158 -26.09 17.13 5.30
N ASN B 162 -31.06 11.12 10.87
CA ASN B 162 -32.46 11.48 10.93
C ASN B 162 -33.24 11.23 9.61
N ASP B 163 -32.67 11.69 8.48
CA ASP B 163 -33.37 11.70 7.17
C ASP B 163 -33.29 10.41 6.33
N GLY B 164 -32.59 9.38 6.80
CA GLY B 164 -32.36 8.14 6.03
C GLY B 164 -31.27 8.18 4.96
N LYS B 165 -30.50 9.27 4.88
CA LYS B 165 -29.39 9.43 3.94
C LYS B 165 -28.08 8.80 4.47
N SER B 166 -28.07 8.43 5.76
CA SER B 166 -27.04 7.60 6.36
C SER B 166 -27.63 6.29 6.89
N LYS B 167 -26.73 5.35 7.12
CA LYS B 167 -27.06 4.03 7.63
C LYS B 167 -25.91 3.40 8.40
N VAL B 168 -26.20 2.37 9.19
CA VAL B 168 -25.17 1.53 9.84
C VAL B 168 -25.27 0.13 9.23
N THR B 169 -24.11 -0.42 8.83
CA THR B 169 -23.97 -1.77 8.26
C THR B 169 -23.12 -2.58 9.22
N HIS B 170 -23.54 -3.81 9.51
CA HIS B 170 -22.78 -4.72 10.40
C HIS B 170 -22.19 -5.86 9.57
N VAL B 171 -20.89 -6.14 9.74
CA VAL B 171 -20.20 -7.22 9.01
C VAL B 171 -19.69 -8.20 10.05
N MET B 172 -20.09 -9.47 9.94
N MET B 172 -20.08 -9.47 9.94
CA MET B 172 -19.68 -10.51 10.89
CA MET B 172 -19.66 -10.50 10.87
C MET B 172 -18.22 -10.87 10.60
C MET B 172 -18.21 -10.86 10.59
N ILE B 173 -17.44 -11.04 11.67
CA ILE B 173 -16.01 -11.43 11.61
C ILE B 173 -15.95 -12.76 12.34
N ARG B 174 -15.69 -13.83 11.59
CA ARG B 174 -15.51 -15.15 12.17
C ARG B 174 -14.09 -15.31 12.67
N CYS B 175 -13.92 -16.03 13.80
CA CYS B 175 -12.65 -16.61 14.22
C CYS B 175 -12.72 -18.10 13.93
N GLN B 176 -11.91 -18.57 12.98
CA GLN B 176 -11.82 -20.00 12.63
C GLN B 176 -10.33 -20.39 12.69
N GLU B 177 -9.99 -21.32 13.57
CA GLU B 177 -8.64 -21.91 13.68
C GLU B 177 -7.57 -20.84 13.89
N LEU B 178 -7.83 -19.98 14.87
CA LEU B 178 -6.95 -18.85 15.27
C LEU B 178 -6.81 -17.72 14.24
N LYS B 179 -7.69 -17.65 13.24
CA LYS B 179 -7.64 -16.63 12.18
C LYS B 179 -9.00 -15.96 11.95
N TYR B 180 -8.96 -14.72 11.50
CA TYR B 180 -10.14 -13.86 11.38
C TYR B 180 -10.48 -13.62 9.92
N ASP B 181 -11.77 -13.67 9.58
CA ASP B 181 -12.22 -13.32 8.22
C ASP B 181 -13.61 -12.75 8.24
N VAL B 182 -14.02 -12.17 7.09
CA VAL B 182 -15.37 -11.59 6.90
C VAL B 182 -16.31 -12.46 6.06
N GLY B 183 -16.12 -13.79 6.08
CA GLY B 183 -16.90 -14.74 5.26
C GLY B 183 -16.35 -15.10 3.87
N GLY B 184 -15.19 -14.54 3.53
CA GLY B 184 -14.53 -14.77 2.22
C GLY B 184 -13.24 -13.97 2.13
N GLY B 185 -12.41 -14.31 1.14
CA GLY B 185 -11.12 -13.67 0.94
C GLY B 185 -10.06 -14.11 1.93
N GLU B 186 -9.28 -13.16 2.43
CA GLU B 186 -8.12 -13.48 3.24
C GLU B 186 -8.49 -13.77 4.68
N ARG B 187 -7.67 -14.60 5.31
CA ARG B 187 -7.81 -15.00 6.70
C ARG B 187 -6.58 -14.41 7.40
N PHE B 188 -6.82 -13.64 8.45
CA PHE B 188 -5.81 -12.78 9.09
C PHE B 188 -5.44 -13.34 10.45
N ASP B 189 -4.19 -13.18 10.85
CA ASP B 189 -3.70 -13.69 12.15
C ASP B 189 -4.20 -12.92 13.35
N SER B 190 -4.65 -11.68 13.14
CA SER B 190 -5.17 -10.81 14.17
C SER B 190 -6.32 -9.96 13.63
N LEU B 191 -7.14 -9.48 14.56
CA LEU B 191 -8.21 -8.55 14.24
C LEU B 191 -7.66 -7.26 13.65
N THR B 192 -6.56 -6.76 14.24
CA THR B 192 -5.85 -5.59 13.75
C THR B 192 -5.43 -5.69 12.26
N ASP B 193 -4.85 -6.82 11.87
CA ASP B 193 -4.46 -7.05 10.45
C ASP B 193 -5.70 -7.02 9.55
N LEU B 194 -6.81 -7.58 10.04
CA LEU B 194 -8.07 -7.60 9.28
C LEU B 194 -8.56 -6.16 9.05
N VAL B 195 -8.64 -5.37 10.13
CA VAL B 195 -9.10 -3.96 10.05
C VAL B 195 -8.20 -3.14 9.13
N GLU B 196 -6.88 -3.31 9.28
CA GLU B 196 -5.92 -2.59 8.42
C GLU B 196 -6.11 -2.90 6.94
N HIS B 197 -6.34 -4.18 6.62
CA HIS B 197 -6.55 -4.60 5.23
C HIS B 197 -7.84 -4.01 4.66
N TYR B 198 -8.93 -4.03 5.43
CA TYR B 198 -10.22 -3.51 4.94
C TYR B 198 -10.33 -1.97 5.01
N LYS B 199 -9.46 -1.31 5.79
CA LYS B 199 -9.21 0.14 5.63
C LYS B 199 -8.62 0.51 4.27
N LYS B 200 -7.59 -0.25 3.85
CA LYS B 200 -6.93 -0.05 2.54
C LYS B 200 -7.77 -0.52 1.36
N ASN B 201 -8.46 -1.65 1.55
CA ASN B 201 -9.20 -2.35 0.50
C ASN B 201 -10.66 -2.44 0.92
N PRO B 202 -11.46 -1.37 0.71
CA PRO B 202 -12.83 -1.34 1.24
C PRO B 202 -13.70 -2.48 0.75
N MET B 203 -14.48 -3.09 1.64
CA MET B 203 -15.58 -3.99 1.24
C MET B 203 -16.67 -3.22 0.49
N VAL B 204 -17.39 -3.93 -0.38
CA VAL B 204 -18.48 -3.36 -1.21
C VAL B 204 -19.72 -4.26 -1.09
N GLU B 205 -20.89 -3.63 -0.92
CA GLU B 205 -22.18 -4.35 -0.82
C GLU B 205 -22.69 -4.80 -2.17
N THR B 206 -23.72 -5.64 -2.16
CA THR B 206 -24.38 -6.16 -3.38
C THR B 206 -24.82 -5.03 -4.33
N LEU B 207 -25.44 -4.00 -3.75
CA LEU B 207 -25.93 -2.83 -4.48
C LEU B 207 -24.97 -1.60 -4.52
N GLY B 208 -23.67 -1.82 -4.26
CA GLY B 208 -22.64 -0.80 -4.53
C GLY B 208 -22.12 0.09 -3.41
N THR B 209 -22.71 0.05 -2.22
CA THR B 209 -22.20 0.86 -1.09
C THR B 209 -20.78 0.41 -0.71
N VAL B 210 -19.87 1.38 -0.63
CA VAL B 210 -18.49 1.16 -0.23
C VAL B 210 -18.43 1.32 1.30
N LEU B 211 -18.07 0.24 2.00
CA LEU B 211 -17.90 0.27 3.45
C LEU B 211 -16.54 0.88 3.82
N GLN B 212 -16.48 2.22 3.66
CA GLN B 212 -15.25 2.98 3.90
C GLN B 212 -15.01 3.04 5.40
N LEU B 213 -13.86 2.53 5.83
CA LEU B 213 -13.43 2.60 7.22
C LEU B 213 -12.51 3.81 7.32
N LYS B 214 -13.12 4.98 7.46
CA LYS B 214 -12.41 6.26 7.40
C LYS B 214 -11.80 6.67 8.75
N GLN B 215 -12.52 6.44 9.85
CA GLN B 215 -11.99 6.72 11.19
C GLN B 215 -12.69 5.90 12.25
N PRO B 216 -11.96 5.51 13.33
CA PRO B 216 -12.66 4.95 14.49
C PRO B 216 -13.69 5.92 15.03
N LEU B 217 -14.80 5.39 15.54
CA LEU B 217 -15.78 6.23 16.21
C LEU B 217 -15.09 7.10 17.26
N ASN B 218 -15.32 8.41 17.21
CA ASN B 218 -14.75 9.33 18.20
C ASN B 218 -15.52 9.23 19.51
N THR B 219 -14.83 8.87 20.59
CA THR B 219 -15.38 8.80 21.96
C THR B 219 -14.87 9.85 22.91
N THR B 220 -13.92 10.68 22.47
CA THR B 220 -13.23 11.59 23.35
C THR B 220 -13.68 13.07 23.21
N ARG B 221 -14.28 13.43 22.07
CA ARG B 221 -14.81 14.77 21.87
C ARG B 221 -15.94 14.99 22.88
N ILE B 222 -15.97 16.15 23.51
CA ILE B 222 -17.02 16.51 24.47
C ILE B 222 -17.58 17.90 24.19
N ASN B 223 -18.73 18.20 24.77
CA ASN B 223 -19.25 19.58 24.89
C ASN B 223 -18.53 20.23 26.08
N ALA B 224 -17.81 21.33 25.84
CA ALA B 224 -16.98 21.98 26.86
C ALA B 224 -17.71 22.28 28.18
N ALA B 225 -18.97 22.68 28.10
CA ALA B 225 -19.82 22.89 29.31
C ALA B 225 -20.03 21.66 30.18
N GLU B 226 -19.82 20.47 29.61
CA GLU B 226 -19.99 19.18 30.30
C GLU B 226 -18.65 18.57 30.70
N ILE B 227 -17.59 19.38 30.75
CA ILE B 227 -16.27 18.86 31.10
C ILE B 227 -16.20 18.19 32.50
N GLU B 228 -16.94 18.74 33.47
CA GLU B 228 -16.94 18.20 34.84
C GLU B 228 -17.46 16.75 34.87
N SER B 229 -18.50 16.46 34.12
CA SER B 229 -19.04 15.10 34.04
C SER B 229 -18.04 14.16 33.31
N ARG B 230 -17.35 14.64 32.28
CA ARG B 230 -16.30 13.83 31.66
C ARG B 230 -15.12 13.55 32.63
N VAL B 231 -14.69 14.56 33.39
CA VAL B 231 -13.63 14.39 34.42
C VAL B 231 -14.06 13.34 35.46
N ARG B 232 -15.31 13.41 35.92
CA ARG B 232 -15.86 12.42 36.85
C ARG B 232 -15.84 11.01 36.23
N GLU B 233 -16.27 10.89 34.97
CA GLU B 233 -16.21 9.62 34.22
CA GLU B 233 -16.21 9.61 34.21
C GLU B 233 -14.75 9.11 34.09
N LEU B 234 -13.84 10.00 33.71
CA LEU B 234 -12.42 9.63 33.55
C LEU B 234 -11.67 9.36 34.85
N SER B 235 -12.20 9.86 35.96
CA SER B 235 -11.69 9.55 37.31
C SER B 235 -12.05 8.17 37.85
N LYS B 236 -13.06 7.53 37.28
CA LYS B 236 -13.53 6.20 37.68
C LYS B 236 -12.78 5.07 36.92
N LEU B 237 -13.19 3.82 37.17
CA LEU B 237 -12.73 2.58 36.47
C LEU B 237 -11.44 2.07 37.15
N LYS B 245 -5.40 1.53 35.75
CA LYS B 245 -6.58 1.82 36.56
C LYS B 245 -7.61 2.73 35.84
N GLN B 246 -7.41 4.05 35.85
CA GLN B 246 -8.50 5.02 35.57
C GLN B 246 -8.69 5.37 34.08
N GLY B 247 -9.83 5.97 33.77
CA GLY B 247 -10.16 6.45 32.43
C GLY B 247 -9.11 7.39 31.85
N PHE B 248 -8.58 8.32 32.67
CA PHE B 248 -7.47 9.18 32.25
C PHE B 248 -6.27 8.44 31.71
N TRP B 249 -5.88 7.38 32.42
CA TRP B 249 -4.72 6.56 32.05
C TRP B 249 -4.98 5.86 30.72
N GLU B 250 -6.15 5.23 30.59
CA GLU B 250 -6.59 4.59 29.32
C GLU B 250 -6.51 5.57 28.15
N GLU B 251 -7.08 6.75 28.34
CA GLU B 251 -7.12 7.77 27.28
C GLU B 251 -5.73 8.30 26.87
N PHE B 252 -4.88 8.56 27.86
CA PHE B 252 -3.54 9.03 27.59
C PHE B 252 -2.69 7.96 26.87
N GLU B 253 -2.83 6.73 27.31
CA GLU B 253 -2.16 5.58 26.66
C GLU B 253 -2.67 5.30 25.24
N THR B 254 -3.97 5.38 25.03
CA THR B 254 -4.54 5.19 23.68
C THR B 254 -4.02 6.25 22.71
N LEU B 255 -4.05 7.51 23.13
CA LEU B 255 -3.38 8.61 22.40
C LEU B 255 -1.90 8.30 22.10
N GLN B 256 -1.18 7.83 23.12
CA GLN B 256 0.25 7.46 22.97
C GLN B 256 0.49 6.39 21.92
N GLN B 257 -0.44 5.44 21.82
CA GLN B 257 -0.39 4.42 20.76
C GLN B 257 -0.43 4.95 19.31
N GLN B 258 -0.76 6.24 19.12
CA GLN B 258 -0.84 6.91 17.82
C GLN B 258 0.42 7.66 17.45
N GLU B 259 1.43 7.63 18.31
CA GLU B 259 2.66 8.37 18.08
C GLU B 259 3.54 7.83 16.96
N CYS B 260 3.34 6.59 16.48
CA CYS B 260 4.15 6.09 15.35
C CYS B 260 3.76 6.71 14.02
N LYS B 261 2.62 7.39 13.97
CA LYS B 261 2.22 8.23 12.84
C LYS B 261 2.98 9.56 12.76
N LEU B 262 3.75 9.89 13.79
CA LEU B 262 4.40 11.17 13.93
C LEU B 262 5.93 11.05 13.91
N LEU B 263 6.49 10.01 13.25
CA LEU B 263 7.95 9.84 13.17
C LEU B 263 8.53 10.63 12.01
N TYR B 264 8.32 11.94 12.04
CA TYR B 264 8.81 12.84 11.00
C TYR B 264 10.31 13.08 11.14
N SER B 265 10.92 13.44 10.02
CA SER B 265 12.37 13.57 9.96
C SER B 265 12.83 14.72 10.83
N ARG B 266 14.00 14.56 11.43
CA ARG B 266 14.66 15.55 12.25
C ARG B 266 16.13 15.65 11.83
N LYS B 267 16.36 15.64 10.50
CA LYS B 267 17.69 15.56 9.91
C LYS B 267 18.58 16.73 10.31
N GLU B 268 18.03 17.95 10.30
CA GLU B 268 18.83 19.13 10.62
C GLU B 268 19.35 19.12 12.07
N GLY B 269 18.47 18.77 13.01
CA GLY B 269 18.87 18.51 14.40
C GLY B 269 19.93 17.45 14.61
N GLN B 270 19.95 16.44 13.74
CA GLN B 270 20.93 15.33 13.79
C GLN B 270 22.30 15.67 13.17
N ARG B 271 22.42 16.80 12.47
CA ARG B 271 23.67 17.13 11.80
C ARG B 271 24.73 17.38 12.85
N GLN B 272 25.94 16.89 12.57
N GLN B 272 25.95 16.89 12.58
CA GLN B 272 27.10 17.13 13.44
CA GLN B 272 27.13 17.14 13.42
C GLN B 272 27.19 18.65 13.83
C GLN B 272 27.23 18.66 13.82
N GLU B 273 27.03 19.50 12.78
CA GLU B 273 27.19 20.99 12.91
C GLU B 273 26.23 21.63 13.92
N ASN B 274 25.18 20.90 14.30
CA ASN B 274 24.26 21.30 15.33
C ASN B 274 24.29 20.51 16.64
N LYS B 275 25.23 19.58 16.81
CA LYS B 275 25.15 18.68 17.99
C LYS B 275 25.22 19.43 19.32
N ASN B 276 25.96 20.52 19.40
CA ASN B 276 26.07 21.28 20.65
C ASN B 276 24.95 22.24 20.93
N LYS B 277 23.95 22.31 20.05
CA LYS B 277 22.83 23.24 20.14
C LYS B 277 21.58 22.61 20.73
N ASN B 278 21.65 21.32 21.06
CA ASN B 278 20.57 20.55 21.63
C ASN B 278 20.88 20.22 23.09
N ARG B 279 19.94 20.52 23.98
CA ARG B 279 20.08 20.27 25.43
C ARG B 279 20.14 18.78 25.68
N TYR B 280 19.27 18.05 25.00
CA TYR B 280 19.23 16.60 25.05
C TYR B 280 19.43 16.12 23.61
N LYS B 281 20.43 15.27 23.40
CA LYS B 281 20.89 14.86 22.06
C LYS B 281 19.84 14.33 21.08
N ASN B 282 18.86 13.59 21.59
CA ASN B 282 17.84 12.93 20.76
C ASN B 282 16.48 13.59 20.82
N ILE B 283 16.35 14.72 21.54
CA ILE B 283 15.12 15.50 21.56
C ILE B 283 15.35 16.67 20.60
N LEU B 284 14.77 16.53 19.40
CA LEU B 284 15.08 17.38 18.27
C LEU B 284 13.80 17.91 17.60
N PRO B 285 13.90 19.09 16.95
CA PRO B 285 12.79 19.67 16.19
C PRO B 285 12.53 18.95 14.87
N PHE B 286 11.25 18.71 14.52
CA PHE B 286 10.95 18.21 13.20
C PHE B 286 11.43 19.21 12.13
N ASP B 287 12.00 18.70 11.06
CA ASP B 287 12.47 19.56 9.95
C ASP B 287 11.35 20.46 9.40
N HIS B 288 10.15 19.88 9.25
CA HIS B 288 9.04 20.55 8.57
C HIS B 288 8.43 21.72 9.32
N THR B 289 8.65 21.81 10.63
CA THR B 289 8.15 22.93 11.45
C THR B 289 9.26 23.69 12.18
N ARG B 290 10.54 23.35 12.00
CA ARG B 290 11.58 23.99 12.82
C ARG B 290 11.69 25.47 12.41
N VAL B 291 12.13 26.27 13.38
CA VAL B 291 12.40 27.67 13.17
C VAL B 291 13.74 27.77 12.45
N VAL B 292 13.75 28.38 11.26
CA VAL B 292 14.97 28.51 10.47
C VAL B 292 15.49 29.95 10.71
N LEU B 293 16.74 30.05 11.16
CA LEU B 293 17.33 31.35 11.47
C LEU B 293 18.10 31.88 10.28
N HIS B 294 17.81 33.12 9.93
CA HIS B 294 18.45 33.77 8.78
C HIS B 294 19.51 34.76 9.24
N ASP B 295 20.20 35.33 8.26
CA ASP B 295 21.18 36.42 8.48
C ASP B 295 22.32 35.99 9.45
N GLY B 296 22.66 34.71 9.43
CA GLY B 296 23.58 34.16 10.40
C GLY B 296 25.01 34.47 10.02
N ASP B 297 25.88 34.33 11.01
CA ASP B 297 27.35 34.51 10.83
C ASP B 297 27.85 33.55 9.73
N PRO B 298 28.36 34.09 8.59
CA PRO B 298 28.99 33.20 7.57
C PRO B 298 30.19 32.33 8.03
N ASN B 299 30.83 32.72 9.14
CA ASN B 299 31.92 31.97 9.77
C ASN B 299 31.44 30.68 10.47
N GLU B 300 30.26 30.69 11.08
CA GLU B 300 29.70 29.48 11.72
C GLU B 300 29.33 28.42 10.66
N PRO B 301 29.75 27.13 10.81
CA PRO B 301 29.44 26.15 9.75
C PRO B 301 27.94 26.01 9.40
N VAL B 302 27.12 25.98 10.45
CA VAL B 302 25.67 26.11 10.32
C VAL B 302 25.26 27.21 11.29
N SER B 303 24.53 28.21 10.76
CA SER B 303 23.93 29.29 11.55
C SER B 303 22.41 29.39 11.49
N ASP B 304 21.75 28.42 10.85
CA ASP B 304 20.29 28.47 10.63
C ASP B 304 19.47 27.63 11.62
N TYR B 305 20.13 27.07 12.64
CA TYR B 305 19.50 26.08 13.54
C TYR B 305 19.29 26.58 14.95
N ILE B 306 18.08 26.34 15.44
CA ILE B 306 17.74 26.37 16.85
C ILE B 306 16.78 25.19 17.11
N ASN B 307 16.89 24.62 18.31
CA ASN B 307 15.96 23.58 18.74
C ASN B 307 14.63 24.28 19.16
N ALA B 308 13.77 24.47 18.15
CA ALA B 308 12.51 25.15 18.32
C ALA B 308 11.62 24.81 17.13
N ASN B 309 10.31 24.74 17.38
CA ASN B 309 9.29 24.50 16.35
C ASN B 309 8.16 25.53 16.42
N ILE B 310 7.64 25.90 15.26
CA ILE B 310 6.41 26.69 15.19
C ILE B 310 5.27 25.71 15.43
N ILE B 311 4.37 26.10 16.33
CA ILE B 311 3.14 25.37 16.62
C ILE B 311 2.01 26.29 16.15
N MET B 312 1.28 25.87 15.13
N MET B 312 1.30 25.87 15.11
CA MET B 312 0.11 26.58 14.58
CA MET B 312 0.11 26.52 14.58
C MET B 312 -1.11 25.70 14.80
C MET B 312 -1.07 25.62 14.90
N PRO B 313 -2.06 26.10 15.68
CA PRO B 313 -3.32 25.30 15.87
C PRO B 313 -4.06 25.14 14.53
N GLU B 314 -4.58 23.93 14.29
N GLU B 314 -4.60 23.95 14.28
CA GLU B 314 -5.27 23.54 13.04
CA GLU B 314 -5.34 23.64 13.05
C GLU B 314 -6.44 22.64 13.46
C GLU B 314 -6.42 22.62 13.38
N PHE B 315 -7.66 22.91 12.95
CA PHE B 315 -8.87 22.10 13.29
C PHE B 315 -9.69 21.74 12.05
N LYS B 325 -5.78 32.34 14.86
CA LYS B 325 -4.87 33.47 14.68
C LYS B 325 -3.52 33.26 15.38
N LYS B 326 -3.54 32.96 16.68
CA LYS B 326 -2.30 32.92 17.50
C LYS B 326 -1.43 31.67 17.30
N SER B 327 -0.13 31.85 17.05
N SER B 327 -0.13 31.88 17.07
CA SER B 327 0.83 30.74 16.92
CA SER B 327 0.88 30.81 16.91
C SER B 327 1.85 30.80 18.05
C SER B 327 1.84 30.80 18.10
N TYR B 328 2.59 29.69 18.25
CA TYR B 328 3.58 29.53 19.34
C TYR B 328 4.91 29.06 18.75
N ILE B 329 5.98 29.34 19.48
CA ILE B 329 7.22 28.69 19.27
C ILE B 329 7.47 27.88 20.55
N ALA B 330 7.63 26.57 20.39
CA ALA B 330 7.93 25.68 21.49
C ALA B 330 9.42 25.40 21.37
N THR B 331 10.15 25.68 22.44
CA THR B 331 11.62 25.57 22.40
C THR B 331 12.17 25.06 23.74
N GLN B 332 13.42 24.62 23.70
CA GLN B 332 14.16 24.20 24.92
C GLN B 332 14.65 25.40 25.74
N GLY B 333 15.03 25.10 26.99
CA GLY B 333 15.79 26.02 27.83
C GLY B 333 17.16 26.24 27.17
N CYS B 334 17.50 27.53 27.01
CA CYS B 334 18.78 27.98 26.45
C CYS B 334 20.01 27.31 27.07
N LEU B 335 20.97 26.95 26.23
CA LEU B 335 22.32 26.59 26.66
C LEU B 335 23.17 27.85 26.57
N GLN B 336 24.29 27.87 27.28
CA GLN B 336 25.21 29.02 27.22
C GLN B 336 25.55 29.42 25.77
N ASN B 337 25.78 28.43 24.91
CA ASN B 337 26.13 28.65 23.48
C ASN B 337 24.92 28.88 22.53
N THR B 338 23.68 28.81 23.02
CA THR B 338 22.50 29.10 22.21
C THR B 338 21.70 30.33 22.64
N VAL B 339 22.13 31.05 23.67
CA VAL B 339 21.46 32.30 24.07
C VAL B 339 21.40 33.29 22.90
N ASN B 340 22.51 33.42 22.17
CA ASN B 340 22.52 34.37 21.00
C ASN B 340 21.52 33.96 19.93
N ASP B 341 21.45 32.65 19.68
CA ASP B 341 20.47 32.08 18.74
C ASP B 341 19.03 32.32 19.19
N PHE B 342 18.77 32.15 20.49
CA PHE B 342 17.47 32.43 21.05
C PHE B 342 17.02 33.86 20.75
N TRP B 343 17.88 34.84 21.03
CA TRP B 343 17.54 36.22 20.75
C TRP B 343 17.42 36.56 19.27
N ARG B 344 18.24 35.94 18.41
CA ARG B 344 18.01 36.00 16.96
C ARG B 344 16.61 35.50 16.60
N MET B 345 16.18 34.40 17.21
CA MET B 345 14.86 33.85 16.96
C MET B 345 13.76 34.82 17.36
N VAL B 346 13.84 35.32 18.60
CA VAL B 346 12.85 36.25 19.13
C VAL B 346 12.74 37.47 18.21
N PHE B 347 13.88 38.02 17.82
CA PHE B 347 13.89 39.20 16.91
C PHE B 347 13.25 38.92 15.53
N GLN B 348 13.75 37.88 14.88
CA GLN B 348 13.34 37.52 13.51
C GLN B 348 11.85 37.20 13.42
N GLU B 349 11.33 36.48 14.39
CA GLU B 349 9.94 36.04 14.39
C GLU B 349 9.01 37.15 14.94
N ASN B 350 9.56 38.29 15.40
CA ASN B 350 8.83 39.45 15.91
C ASN B 350 8.02 39.05 17.17
N SER B 351 8.55 38.12 17.96
CA SER B 351 7.87 37.64 19.16
C SER B 351 7.95 38.72 20.21
N ARG B 352 6.84 38.97 20.89
CA ARG B 352 6.78 39.98 21.94
C ARG B 352 6.47 39.44 23.30
N VAL B 353 6.22 38.14 23.40
CA VAL B 353 5.87 37.50 24.65
C VAL B 353 6.68 36.20 24.75
N ILE B 354 7.36 36.02 25.87
CA ILE B 354 8.09 34.78 26.21
C ILE B 354 7.44 34.20 27.45
N VAL B 355 7.17 32.89 27.43
CA VAL B 355 6.62 32.17 28.53
C VAL B 355 7.68 31.16 28.97
N MET B 356 8.18 31.31 30.19
CA MET B 356 9.18 30.37 30.75
C MET B 356 8.52 29.62 31.88
N THR B 357 8.53 28.29 31.79
CA THR B 357 7.76 27.45 32.72
C THR B 357 8.69 26.53 33.58
N THR B 358 9.93 26.97 33.80
CA THR B 358 10.85 26.30 34.70
C THR B 358 11.61 27.34 35.50
N LYS B 359 12.12 26.93 36.64
CA LYS B 359 13.19 27.67 37.29
C LYS B 359 14.49 27.37 36.53
N GLU B 360 15.48 28.25 36.68
CA GLU B 360 16.80 28.04 36.09
C GLU B 360 17.41 26.74 36.58
N VAL B 361 17.22 26.44 37.86
CA VAL B 361 17.74 25.22 38.50
C VAL B 361 16.60 24.56 39.28
N GLU B 362 16.39 23.26 39.07
CA GLU B 362 15.44 22.45 39.85
C GLU B 362 16.07 21.12 40.24
N ARG B 363 15.89 20.74 41.50
CA ARG B 363 16.45 19.53 42.08
C ARG B 363 17.96 19.35 41.77
N GLY B 364 18.71 20.46 41.90
CA GLY B 364 20.14 20.46 41.70
C GLY B 364 20.60 20.59 40.26
N LYS B 365 19.71 20.57 39.27
CA LYS B 365 20.07 20.49 37.85
C LYS B 365 19.69 21.75 37.09
N SER B 366 20.61 22.29 36.28
CA SER B 366 20.31 23.42 35.40
C SER B 366 19.32 22.99 34.29
N LYS B 367 18.22 23.74 34.17
CA LYS B 367 17.17 23.53 33.20
C LYS B 367 17.19 24.59 32.09
N CYS B 368 17.80 25.75 32.38
CA CYS B 368 17.83 26.87 31.45
C CYS B 368 18.85 27.86 31.94
N VAL B 369 19.77 28.26 31.06
CA VAL B 369 20.72 29.31 31.41
C VAL B 369 20.00 30.64 31.45
N LYS B 370 20.49 31.54 32.29
CA LYS B 370 19.92 32.89 32.37
C LYS B 370 20.24 33.69 31.09
N TYR B 371 19.23 33.85 30.25
CA TYR B 371 19.35 34.53 28.94
C TYR B 371 18.89 35.99 28.94
N TRP B 372 18.56 36.53 30.12
CA TRP B 372 18.07 37.88 30.33
C TRP B 372 19.02 38.63 31.28
N PRO B 373 19.12 39.97 31.15
CA PRO B 373 19.95 40.71 32.11
C PRO B 373 19.26 40.87 33.45
N ASP B 374 20.05 41.14 34.48
CA ASP B 374 19.50 41.55 35.78
C ASP B 374 18.70 42.82 35.62
N GLU B 375 17.79 43.08 36.56
CA GLU B 375 16.93 44.25 36.51
C GLU B 375 17.76 45.53 36.39
N TYR B 376 17.37 46.42 35.46
CA TYR B 376 18.03 47.70 35.13
C TYR B 376 19.34 47.58 34.35
N ALA B 377 19.74 46.38 33.95
CA ALA B 377 21.02 46.16 33.27
C ALA B 377 20.76 45.94 31.80
N LEU B 378 21.84 46.12 31.03
CA LEU B 378 21.86 45.92 29.59
C LEU B 378 22.98 44.93 29.28
N LYS B 379 22.70 43.98 28.38
CA LYS B 379 23.68 43.02 27.92
C LYS B 379 23.60 42.85 26.40
N GLU B 380 24.75 42.63 25.77
CA GLU B 380 24.81 42.20 24.38
C GLU B 380 24.86 40.70 24.29
N TYR B 381 24.08 40.17 23.37
CA TYR B 381 23.98 38.79 23.07
C TYR B 381 24.22 38.66 21.58
N GLY B 382 25.50 38.52 21.21
CA GLY B 382 25.96 38.62 19.83
C GLY B 382 25.57 39.93 19.13
N VAL B 383 24.80 39.84 18.05
CA VAL B 383 24.31 41.01 17.28
C VAL B 383 23.10 41.74 17.94
N MET B 384 22.55 41.16 18.98
CA MET B 384 21.40 41.71 19.70
C MET B 384 21.79 42.27 21.04
N ARG B 385 20.95 43.16 21.55
CA ARG B 385 21.11 43.66 22.91
C ARG B 385 19.77 43.67 23.59
N VAL B 386 19.79 43.39 24.89
CA VAL B 386 18.58 43.35 25.70
C VAL B 386 18.80 44.17 26.96
N ARG B 387 17.85 45.09 27.23
CA ARG B 387 17.76 45.86 28.47
C ARG B 387 16.59 45.30 29.26
N ASN B 388 16.79 45.08 30.55
CA ASN B 388 15.75 44.64 31.45
C ASN B 388 15.32 45.92 32.14
N VAL B 389 14.16 46.41 31.71
CA VAL B 389 13.62 47.71 32.14
C VAL B 389 13.06 47.61 33.56
N LYS B 390 12.27 46.57 33.81
CA LYS B 390 11.52 46.44 35.07
C LYS B 390 11.05 45.00 35.26
N GLU B 391 11.16 44.51 36.49
CA GLU B 391 10.64 43.23 36.93
C GLU B 391 9.49 43.47 37.91
N SER B 392 8.43 42.69 37.75
CA SER B 392 7.21 42.77 38.60
C SER B 392 6.97 41.36 39.12
N ALA B 393 7.01 41.17 40.44
CA ALA B 393 6.96 39.83 41.06
C ALA B 393 5.55 39.58 41.57
N ALA B 394 4.86 38.63 40.95
CA ALA B 394 3.57 38.12 41.39
C ALA B 394 3.79 36.85 42.22
N HIS B 395 2.72 36.24 42.71
CA HIS B 395 2.82 35.04 43.54
C HIS B 395 3.43 33.83 42.80
N ASP B 396 2.91 33.54 41.62
CA ASP B 396 3.34 32.37 40.83
C ASP B 396 4.34 32.68 39.71
N TYR B 397 4.51 33.96 39.37
CA TYR B 397 5.38 34.36 38.31
C TYR B 397 6.07 35.71 38.54
N THR B 398 7.15 35.92 37.78
CA THR B 398 7.77 37.20 37.60
C THR B 398 7.65 37.65 36.15
N LEU B 399 7.30 38.93 35.95
CA LEU B 399 7.23 39.53 34.62
C LEU B 399 8.44 40.42 34.45
N ARG B 400 9.18 40.23 33.36
CA ARG B 400 10.32 41.06 33.01
C ARG B 400 10.01 41.80 31.72
N GLU B 401 10.06 43.13 31.79
CA GLU B 401 9.86 43.98 30.63
C GLU B 401 11.23 44.16 30.03
N LEU B 402 11.44 43.49 28.89
CA LEU B 402 12.73 43.49 28.22
C LEU B 402 12.65 44.35 26.97
N LYS B 403 13.70 45.09 26.66
CA LYS B 403 13.78 45.82 25.40
C LYS B 403 14.89 45.18 24.53
N LEU B 404 14.49 44.68 23.37
CA LEU B 404 15.38 43.96 22.43
C LEU B 404 15.58 44.79 21.19
N SER B 405 16.84 44.92 20.79
CA SER B 405 17.22 45.64 19.58
C SER B 405 18.47 45.04 18.94
N LYS B 406 18.66 45.41 17.69
CA LYS B 406 19.80 44.97 16.89
C LYS B 406 20.88 46.00 17.18
N VAL B 407 22.07 45.54 17.59
CA VAL B 407 23.21 46.43 17.82
C VAL B 407 23.47 47.21 16.51
N GLY B 408 23.73 48.50 16.63
CA GLY B 408 23.82 49.43 15.48
C GLY B 408 22.53 50.11 14.99
N GLN B 409 21.37 49.61 15.40
CA GLN B 409 20.06 50.02 14.88
C GLN B 409 19.00 50.18 16.01
N GLY B 410 19.07 51.29 16.74
CA GLY B 410 18.13 51.57 17.86
C GLY B 410 16.65 51.66 17.47
N ASN B 411 16.39 52.12 16.24
CA ASN B 411 15.04 52.09 15.59
C ASN B 411 14.37 50.71 15.45
N THR B 412 15.12 49.62 15.66
CA THR B 412 14.58 48.26 15.71
C THR B 412 14.20 47.82 17.12
N GLU B 413 14.28 48.70 18.12
CA GLU B 413 13.90 48.33 19.47
C GLU B 413 12.41 47.92 19.57
N ARG B 414 12.15 46.83 20.30
CA ARG B 414 10.77 46.46 20.67
C ARG B 414 10.76 45.83 22.05
N THR B 415 9.61 45.95 22.73
CA THR B 415 9.46 45.40 24.05
C THR B 415 9.09 43.94 23.94
N VAL B 416 9.82 43.12 24.69
CA VAL B 416 9.55 41.69 24.81
C VAL B 416 9.20 41.48 26.27
N TRP B 417 8.04 40.87 26.53
CA TRP B 417 7.49 40.68 27.86
C TRP B 417 7.71 39.19 28.25
N GLN B 418 8.59 38.96 29.20
CA GLN B 418 8.91 37.61 29.65
C GLN B 418 8.14 37.28 30.91
N TYR B 419 7.24 36.32 30.76
CA TYR B 419 6.45 35.76 31.84
C TYR B 419 7.09 34.48 32.36
N HIS B 420 7.68 34.58 33.54
CA HIS B 420 8.45 33.49 34.14
C HIS B 420 7.68 32.84 35.26
N PHE B 421 7.11 31.68 34.97
CA PHE B 421 6.34 30.93 35.94
C PHE B 421 7.32 30.24 36.88
N ARG B 422 7.18 30.44 38.18
CA ARG B 422 8.22 30.03 39.15
C ARG B 422 7.81 28.94 40.11
N THR B 423 6.52 28.61 40.18
CA THR B 423 6.01 27.68 41.19
C THR B 423 5.58 26.30 40.68
N TRP B 424 5.87 25.94 39.42
CA TRP B 424 5.58 24.58 38.96
C TRP B 424 6.37 23.61 39.87
N PRO B 425 5.73 22.58 40.43
CA PRO B 425 6.45 21.77 41.42
C PRO B 425 7.60 20.94 40.78
N ASP B 426 8.58 20.63 41.60
CA ASP B 426 9.73 19.83 41.11
C ASP B 426 9.32 18.45 40.55
N HIS B 427 8.33 17.83 41.20
CA HIS B 427 7.73 16.56 40.78
C HIS B 427 6.26 16.77 40.50
N GLY B 428 5.77 16.16 39.42
CA GLY B 428 4.36 16.10 39.12
C GLY B 428 3.84 17.43 38.60
N VAL B 429 2.59 17.77 38.94
CA VAL B 429 1.92 18.98 38.35
C VAL B 429 1.39 19.82 39.51
N PRO B 430 1.05 21.11 39.29
CA PRO B 430 0.45 21.89 40.38
C PRO B 430 -0.81 21.25 40.96
N SER B 431 -1.01 21.42 42.27
CA SER B 431 -2.18 20.86 42.96
C SER B 431 -3.50 21.55 42.54
N ASP B 432 -3.40 22.75 41.97
CA ASP B 432 -4.58 23.42 41.42
C ASP B 432 -4.18 24.17 40.16
N PRO B 433 -5.14 24.48 39.27
CA PRO B 433 -4.79 25.19 38.03
C PRO B 433 -4.82 26.70 38.10
N GLY B 434 -5.17 27.30 39.24
CA GLY B 434 -5.47 28.75 39.29
C GLY B 434 -4.29 29.66 38.99
N GLY B 435 -3.12 29.26 39.49
CA GLY B 435 -1.85 29.88 39.16
C GLY B 435 -1.55 29.88 37.68
N VAL B 436 -1.60 28.70 37.06
CA VAL B 436 -1.37 28.57 35.61
C VAL B 436 -2.43 29.38 34.85
N LEU B 437 -3.69 29.27 35.26
CA LEU B 437 -4.77 30.00 34.56
C LEU B 437 -4.63 31.53 34.59
N ASP B 438 -4.34 32.09 35.77
N ASP B 438 -4.35 32.09 35.77
CA ASP B 438 -4.10 33.53 35.94
CA ASP B 438 -4.11 33.54 35.93
C ASP B 438 -2.93 34.01 35.08
C ASP B 438 -2.93 34.01 35.07
N PHE B 439 -1.84 33.26 35.14
CA PHE B 439 -0.64 33.46 34.29
C PHE B 439 -0.93 33.45 32.81
N LEU B 440 -1.62 32.41 32.35
CA LEU B 440 -2.00 32.29 30.92
C LEU B 440 -2.95 33.42 30.49
N GLU B 441 -3.82 33.87 31.38
CA GLU B 441 -4.71 35.01 31.10
C GLU B 441 -3.92 36.30 30.87
N GLU B 442 -2.91 36.55 31.71
CA GLU B 442 -2.07 37.72 31.54
C GLU B 442 -1.25 37.63 30.26
N VAL B 443 -0.73 36.45 29.96
CA VAL B 443 0.05 36.17 28.72
C VAL B 443 -0.85 36.47 27.51
N HIS B 444 -2.07 35.91 27.54
CA HIS B 444 -3.07 36.13 26.48
C HIS B 444 -3.42 37.59 26.25
N HIS B 445 -3.78 38.32 27.31
CA HIS B 445 -4.10 39.73 27.21
C HIS B 445 -2.92 40.58 26.71
N LYS B 446 -1.72 40.29 27.19
CA LYS B 446 -0.55 40.99 26.72
C LYS B 446 -0.36 40.79 25.21
N GLN B 447 -0.37 39.55 24.77
CA GLN B 447 -0.23 39.21 23.33
C GLN B 447 -1.32 39.86 22.47
N GLU B 448 -2.57 39.75 22.95
CA GLU B 448 -3.72 40.35 22.25
C GLU B 448 -3.64 41.89 22.15
N SER B 449 -3.02 42.54 23.15
CA SER B 449 -2.85 43.97 23.22
C SER B 449 -1.80 44.53 22.25
N ILE B 450 -0.93 43.71 21.71
CA ILE B 450 0.18 44.18 20.85
C ILE B 450 -0.16 43.84 19.42
N MET B 451 -0.46 44.88 18.62
N MET B 451 -0.48 44.89 18.64
CA MET B 451 -1.02 44.72 17.26
CA MET B 451 -0.67 44.76 17.21
C MET B 451 -0.35 43.68 16.36
C MET B 451 0.58 44.22 16.55
N ASP B 452 0.94 43.87 16.07
N ASP B 452 0.40 43.24 15.69
CA ASP B 452 1.60 43.01 15.10
CA ASP B 452 1.51 42.76 14.88
C ASP B 452 2.56 42.00 15.73
C ASP B 452 2.40 41.72 15.58
N ALA B 453 2.17 41.41 16.87
CA ALA B 453 3.06 40.50 17.61
C ALA B 453 3.13 39.14 16.92
N GLY B 454 4.34 38.61 16.88
CA GLY B 454 4.63 37.30 16.33
C GLY B 454 4.23 36.19 17.26
N PRO B 455 4.75 34.97 17.02
CA PRO B 455 4.44 33.84 17.88
C PRO B 455 4.84 34.09 19.33
N VAL B 456 4.07 33.53 20.26
CA VAL B 456 4.43 33.49 21.66
C VAL B 456 5.49 32.38 21.85
N VAL B 457 6.64 32.74 22.39
CA VAL B 457 7.72 31.75 22.65
C VAL B 457 7.38 31.07 23.98
N VAL B 458 7.36 29.72 24.02
CA VAL B 458 7.14 28.95 25.23
C VAL B 458 8.32 27.96 25.38
N HIS B 459 8.90 27.92 26.58
CA HIS B 459 9.91 26.93 26.90
C HIS B 459 9.89 26.42 28.35
N CYS B 460 10.51 25.26 28.52
CA CYS B 460 10.81 24.64 29.82
C CYS B 460 12.28 24.20 29.74
N SER B 461 12.57 22.93 30.01
CA SER B 461 13.89 22.35 29.91
C SER B 461 14.03 21.75 28.51
N ALA B 462 13.41 20.61 28.23
CA ALA B 462 13.50 19.99 26.91
C ALA B 462 12.52 20.61 25.91
N GLY B 463 11.55 21.41 26.41
CA GLY B 463 10.54 22.05 25.55
C GLY B 463 9.43 21.18 25.00
N ILE B 464 9.13 20.08 25.68
CA ILE B 464 8.06 19.16 25.25
C ILE B 464 6.98 18.87 26.32
N GLY B 465 7.36 18.65 27.58
CA GLY B 465 6.41 18.25 28.60
C GLY B 465 5.60 19.43 29.13
N ARG B 466 6.22 20.27 29.94
CA ARG B 466 5.54 21.45 30.48
C ARG B 466 5.18 22.39 29.35
N THR B 467 6.09 22.60 28.38
CA THR B 467 5.80 23.49 27.24
C THR B 467 4.54 23.05 26.47
N GLY B 468 4.46 21.76 26.19
CA GLY B 468 3.30 21.12 25.55
C GLY B 468 2.02 21.33 26.35
N THR B 469 2.13 21.15 27.67
CA THR B 469 0.96 21.29 28.56
C THR B 469 0.44 22.73 28.56
N PHE B 470 1.34 23.71 28.68
CA PHE B 470 0.92 25.11 28.64
C PHE B 470 0.28 25.49 27.30
N ILE B 471 0.92 25.09 26.21
CA ILE B 471 0.41 25.35 24.85
C ILE B 471 -0.96 24.74 24.61
N VAL B 472 -1.15 23.48 25.03
CA VAL B 472 -2.40 22.76 24.79
C VAL B 472 -3.53 23.41 25.59
N ILE B 473 -3.27 23.72 26.86
CA ILE B 473 -4.24 24.48 27.69
C ILE B 473 -4.63 25.79 27.00
N ASP B 474 -3.63 26.51 26.53
CA ASP B 474 -3.88 27.79 25.88
C ASP B 474 -4.73 27.63 24.60
N ILE B 475 -4.43 26.60 23.81
CA ILE B 475 -5.23 26.34 22.58
C ILE B 475 -6.70 26.05 22.93
N LEU B 476 -6.91 25.17 23.90
CA LEU B 476 -8.26 24.75 24.29
C LEU B 476 -9.05 25.90 24.88
N ILE B 477 -8.42 26.66 25.78
CA ILE B 477 -9.09 27.85 26.35
C ILE B 477 -9.48 28.85 25.25
N ASP B 478 -8.59 29.04 24.29
CA ASP B 478 -8.86 29.97 23.15
C ASP B 478 -10.06 29.56 22.29
N ILE B 479 -10.34 28.26 22.17
CA ILE B 479 -11.57 27.79 21.50
C ILE B 479 -12.76 28.29 22.28
N ILE B 480 -12.71 28.13 23.61
CA ILE B 480 -13.82 28.57 24.48
C ILE B 480 -13.98 30.11 24.45
N ARG B 481 -12.86 30.85 24.44
CA ARG B 481 -12.91 32.31 24.28
C ARG B 481 -13.70 32.74 23.04
N GLU B 482 -13.48 32.04 21.94
CA GLU B 482 -14.13 32.36 20.68
C GLU B 482 -15.59 31.90 20.67
N LYS B 483 -15.82 30.64 21.06
CA LYS B 483 -17.14 30.02 20.85
C LYS B 483 -18.06 29.95 22.07
N GLY B 484 -17.57 30.34 23.24
CA GLY B 484 -18.32 30.15 24.49
C GLY B 484 -18.25 28.70 24.94
N VAL B 485 -18.91 28.42 26.06
N VAL B 485 -18.94 28.44 26.03
CA VAL B 485 -18.86 27.09 26.67
CA VAL B 485 -18.90 27.15 26.69
C VAL B 485 -19.66 26.02 25.90
C VAL B 485 -19.67 26.05 25.92
N ASP B 486 -20.63 26.42 25.07
CA ASP B 486 -21.39 25.46 24.24
C ASP B 486 -20.68 25.23 22.89
N CYS B 487 -19.58 24.49 22.96
CA CYS B 487 -18.76 24.13 21.79
C CYS B 487 -18.04 22.81 22.06
N ASP B 488 -17.63 22.18 20.96
CA ASP B 488 -16.95 20.91 21.05
C ASP B 488 -15.48 21.16 21.28
N ILE B 489 -14.91 20.41 22.22
CA ILE B 489 -13.46 20.30 22.36
C ILE B 489 -13.07 18.82 22.43
N ASP B 490 -11.81 18.54 22.12
CA ASP B 490 -11.36 17.13 22.01
C ASP B 490 -9.90 17.13 22.40
N VAL B 491 -9.66 16.85 23.68
CA VAL B 491 -8.32 16.99 24.25
C VAL B 491 -7.27 16.11 23.53
N PRO B 492 -7.52 14.79 23.40
CA PRO B 492 -6.49 13.96 22.70
C PRO B 492 -6.29 14.32 21.23
N LYS B 493 -7.37 14.73 20.53
CA LYS B 493 -7.25 15.19 19.13
C LYS B 493 -6.30 16.36 19.00
N THR B 494 -6.51 17.37 19.85
CA THR B 494 -5.69 18.56 19.91
C THR B 494 -4.22 18.24 20.24
N ILE B 495 -4.01 17.32 21.18
CA ILE B 495 -2.63 16.94 21.52
C ILE B 495 -1.96 16.27 20.34
N GLN B 496 -2.65 15.33 19.68
CA GLN B 496 -2.11 14.70 18.47
C GLN B 496 -1.73 15.76 17.41
N MET B 497 -2.56 16.78 17.24
CA MET B 497 -2.25 17.84 16.27
C MET B 497 -0.98 18.63 16.66
N VAL B 498 -0.83 18.92 17.95
CA VAL B 498 0.40 19.60 18.47
C VAL B 498 1.64 18.69 18.37
N ARG B 499 1.48 17.39 18.66
CA ARG B 499 2.58 16.42 18.54
C ARG B 499 3.08 16.17 17.14
N SER B 500 2.25 16.48 16.12
CA SER B 500 2.69 16.47 14.75
C SER B 500 3.62 17.63 14.43
N GLN B 501 3.76 18.61 15.32
CA GLN B 501 4.57 19.80 15.09
C GLN B 501 5.81 19.89 15.99
N ARG B 502 5.84 19.20 17.13
CA ARG B 502 7.06 19.01 17.88
C ARG B 502 6.90 17.69 18.62
N SER B 503 7.97 16.89 18.65
CA SER B 503 7.97 15.54 19.22
C SER B 503 7.50 15.51 20.66
N GLY B 504 6.55 14.63 20.97
CA GLY B 504 6.25 14.30 22.36
C GLY B 504 5.59 15.41 23.18
N MET B 505 4.95 16.38 22.52
CA MET B 505 4.32 17.46 23.28
C MET B 505 3.29 16.88 24.25
N VAL B 506 3.41 17.24 25.52
CA VAL B 506 2.65 16.66 26.65
C VAL B 506 3.20 15.26 26.96
N GLN B 507 3.91 15.13 28.08
CA GLN B 507 4.73 13.92 28.35
C GLN B 507 4.05 12.88 29.23
N THR B 508 3.21 13.30 30.18
CA THR B 508 2.69 12.36 31.21
C THR B 508 1.20 12.39 31.39
N GLU B 509 0.71 11.30 31.98
CA GLU B 509 -0.67 11.19 32.39
C GLU B 509 -1.03 12.30 33.38
N ALA B 510 -0.12 12.65 34.29
CA ALA B 510 -0.37 13.74 35.25
C ALA B 510 -0.59 15.08 34.53
N GLN B 511 0.20 15.37 33.51
CA GLN B 511 -0.01 16.56 32.69
C GLN B 511 -1.35 16.53 31.94
N TYR B 512 -1.70 15.37 31.38
CA TYR B 512 -2.96 15.19 30.66
C TYR B 512 -4.19 15.51 31.54
N ARG B 513 -4.23 14.88 32.70
CA ARG B 513 -5.23 15.19 33.74
C ARG B 513 -5.24 16.67 34.15
N PHE B 514 -4.06 17.26 34.29
CA PHE B 514 -3.92 18.69 34.58
C PHE B 514 -4.53 19.58 33.48
N ILE B 515 -4.39 19.19 32.22
CA ILE B 515 -5.00 19.94 31.09
C ILE B 515 -6.51 19.99 31.25
N TYR B 516 -7.10 18.83 31.50
CA TYR B 516 -8.53 18.75 31.76
C TYR B 516 -8.92 19.62 32.96
N MET B 517 -8.13 19.55 34.04
N MET B 517 -8.14 19.57 34.06
CA MET B 517 -8.38 20.33 35.26
CA MET B 517 -8.46 20.37 35.26
C MET B 517 -8.34 21.84 34.98
C MET B 517 -8.35 21.87 34.99
N ALA B 518 -7.31 22.28 34.26
CA ALA B 518 -7.18 23.68 33.81
C ALA B 518 -8.36 24.18 32.96
N VAL B 519 -8.72 23.42 31.94
CA VAL B 519 -9.88 23.77 31.09
C VAL B 519 -11.18 23.81 31.91
N GLN B 520 -11.41 22.79 32.75
CA GLN B 520 -12.57 22.79 33.62
C GLN B 520 -12.70 24.06 34.45
N HIS B 521 -11.60 24.42 35.11
CA HIS B 521 -11.63 25.55 36.03
C HIS B 521 -11.65 26.91 35.30
N TYR B 522 -11.13 26.96 34.06
CA TYR B 522 -11.35 28.11 33.17
C TYR B 522 -12.85 28.33 32.94
N ILE B 523 -13.52 27.28 32.53
CA ILE B 523 -14.94 27.29 32.27
C ILE B 523 -15.71 27.69 33.53
N GLU B 524 -15.34 27.10 34.66
CA GLU B 524 -16.00 27.38 35.94
C GLU B 524 -15.79 28.80 36.50
N THR B 525 -14.76 29.50 36.07
CA THR B 525 -14.53 30.90 36.48
C THR B 525 -14.99 31.96 35.45
N LEU B 526 -15.80 31.58 34.47
CA LEU B 526 -16.47 32.56 33.57
C LEU B 526 -17.60 33.26 34.31
C2 P8O C . 5.93 -10.72 -17.14
C5 P8O C . 7.26 -10.98 -17.82
C7 P8O C . 9.05 -9.96 -18.90
C8 P8O C . 9.68 -11.19 -19.10
C12 P8O C . 8.21 -15.00 -17.21
N13 P8O C . 9.23 -14.78 -16.37
C16 P8O C . 11.81 -17.05 -15.63
C19 P8O C . 10.00 -16.97 -16.91
C21 P8O C . 8.07 -16.20 -17.92
N22 P8O C . 13.00 -17.46 -15.05
C23 P8O C . 13.42 -16.86 -13.76
C24 P8O C . 12.80 -17.63 -12.59
C27 P8O C . 14.79 -20.53 -11.37
C30 P8O C . 14.48 -22.71 -9.64
C31 P8O C . 13.36 -21.98 -10.07
C32 P8O C . 13.51 -20.89 -10.93
C33 P8O C . 12.46 -19.97 -11.52
C36 P8O C . 12.84 -19.71 -14.00
C37 P8O C . 13.43 -18.88 -15.15
F1 P8O C . 5.00 -11.65 -17.59
F3 P8O C . 6.04 -10.81 -15.76
F4 P8O C . 5.44 -9.45 -17.44
N6 P8O C . 7.89 -9.90 -18.28
C9 P8O C . 9.06 -12.35 -18.65
C10 P8O C . 7.81 -12.28 -17.99
S11 P8O C . 7.01 -13.74 -17.41
C14 P8O C . 10.15 -15.76 -16.20
N15 P8O C . 11.26 -15.87 -15.46
N17 P8O C . 11.06 -17.75 -16.53
N20 P8O C . 8.96 -17.17 -17.74
C25 P8O C . 13.19 -19.12 -12.61
C26 P8O C . 14.71 -19.33 -12.28
C28 P8O C . 15.91 -21.25 -10.94
C29 P8O C . 15.75 -22.34 -10.07
N35 P8O C . 11.87 -19.25 -10.36
C FMT D . -16.56 -36.00 -7.66
O1 FMT D . -16.00 -36.92 -8.27
O2 FMT D . -15.99 -35.44 -6.60
C FMT E . 0.96 -24.06 -18.06
O1 FMT E . 0.16 -24.71 -18.73
O2 FMT E . 0.54 -23.40 -16.99
C FMT F . -6.94 -20.54 3.64
O1 FMT F . -7.77 -21.12 4.28
O2 FMT F . -5.84 -20.12 4.26
C FMT G . 33.58 -10.79 -7.63
O1 FMT G . 32.95 -11.30 -6.71
O2 FMT G . 34.71 -10.14 -7.37
C FMT H . 8.64 -9.01 13.74
O1 FMT H . 9.72 -8.45 13.83
O2 FMT H . 7.97 -9.17 12.58
C FMT I . 20.17 -6.95 -38.64
O1 FMT I . 19.59 -7.00 -37.56
O2 FMT I . 19.93 -7.90 -39.55
C FMT J . 15.87 -3.91 -42.08
O1 FMT J . 15.74 -4.84 -42.87
O2 FMT J . 16.84 -3.97 -41.17
C FMT K . 19.42 -13.37 -43.08
O1 FMT K . 19.14 -12.72 -44.08
O2 FMT K . 19.17 -12.85 -41.89
C FMT L . -20.85 -32.49 -16.54
O1 FMT L . -21.61 -32.73 -15.62
O2 FMT L . -21.24 -32.80 -17.78
C FMT M . -26.67 -20.13 -37.45
O1 FMT M . -25.86 -20.81 -38.10
O2 FMT M . -26.96 -18.91 -37.85
C FMT N . 2.20 -34.97 -36.87
O1 FMT N . 1.87 -36.10 -36.54
O2 FMT N . 3.36 -34.47 -36.44
C FMT O . -4.79 -16.73 -53.49
O1 FMT O . -4.26 -15.73 -53.95
O2 FMT O . -4.31 -17.93 -53.78
C FMT P . 9.41 -10.85 16.60
O1 FMT P . 10.35 -11.57 16.87
O2 FMT P . 8.32 -11.39 16.06
C2 P8O Q . -5.91 10.46 17.52
C5 P8O Q . -7.25 10.81 18.13
C7 P8O Q . -9.24 12.00 17.80
C8 P8O Q . -9.71 11.62 19.04
C12 P8O Q . -7.72 8.52 21.57
N13 P8O Q . -8.69 7.71 21.09
C16 P8O Q . -10.93 5.84 23.04
C19 P8O Q . -9.27 7.27 23.36
C21 P8O Q . -7.54 8.73 22.95
N22 P8O Q . -12.01 4.99 23.27
C23 P8O Q . -12.39 4.03 22.22
C24 P8O Q . -11.60 2.74 22.38
C27 P8O Q . -13.14 0.21 24.62
C30 P8O Q . -12.46 -2.20 25.87
C31 P8O Q . -11.47 -1.40 25.30
C32 P8O Q . -11.80 -0.19 24.68
C33 P8O Q . -10.91 0.83 23.99
C36 P8O Q . -11.51 3.13 24.85
C37 P8O Q . -12.27 4.46 24.63
F1 P8O Q . -5.59 11.33 16.48
F3 P8O Q . -5.93 9.18 16.98
F4 P8O Q . -4.92 10.56 18.51
N6 P8O Q . -8.04 11.59 17.40
C9 P8O Q . -8.94 10.80 19.86
C10 P8O Q . -7.67 10.39 19.42
S11 P8O Q . -6.67 9.37 20.46
C14 P8O Q . -9.47 7.06 21.97
N15 P8O Q . -10.50 6.20 21.86
N17 P8O Q . -10.19 6.49 23.99
N20 P8O Q . -8.30 8.09 23.81
C25 P8O Q . -11.81 2.08 23.76
C26 P8O Q . -13.26 1.54 23.91
C28 P8O Q . -14.14 -0.59 25.20
C29 P8O Q . -13.80 -1.80 25.82
N35 P8O Q . -10.31 0.17 22.81
C FMT R . 13.15 38.80 9.35
O1 FMT R . 13.32 37.70 8.86
O2 FMT R . 12.31 38.97 10.37
C FMT S . -6.50 -16.96 3.20
O1 FMT S . -7.59 -16.85 2.67
O2 FMT S . -5.84 -15.93 3.74
C FMT T . 9.05 2.57 15.42
O1 FMT T . 7.88 2.39 15.71
O2 FMT T . 9.83 3.24 16.29
C FMT U . 14.62 9.99 8.92
O1 FMT U . 15.12 11.06 8.59
O2 FMT U . 13.30 9.89 9.01
C FMT V . 22.93 16.75 20.01
O1 FMT V . 22.23 16.18 19.20
O2 FMT V . 23.78 16.17 20.86
C FMT W . -19.78 24.39 33.33
O1 FMT W . -19.96 24.72 34.49
O2 FMT W . -20.64 24.75 32.40
C FMT X . 0.33 6.40 29.87
O1 FMT X . 1.19 6.88 30.59
O2 FMT X . 0.69 5.52 28.93
C FMT Y . 27.01 30.06 36.53
O1 FMT Y . 27.68 29.71 37.48
O2 FMT Y . 27.30 29.59 35.31
C FMT Z . 7.99 34.29 42.17
O1 FMT Z . 7.24 33.37 42.49
O2 FMT Z . 7.49 35.38 41.62
#